data_7OOE
#
_entry.id   7OOE
#
_cell.length_a   80.215
_cell.length_b   102.678
_cell.length_c   103.829
_cell.angle_alpha   90.00
_cell.angle_beta   90.00
_cell.angle_gamma   90.00
#
_symmetry.space_group_name_H-M   'P 21 21 21'
#
loop_
_entity.id
_entity.type
_entity.pdbx_description
1 polymer 'Heat shock protein 70'
2 non-polymer GLYCEROL
3 non-polymer 'TETRAETHYLENE GLYCOL'
4 non-polymer 'AMP PHOSPHORAMIDATE'
5 non-polymer "N-(4-methoxyphenyl)-N'-pyridin-4-ylurea"
6 non-polymer 'PHOSPHATE ION'
7 non-polymer 'CHLORIDE ION'
8 water water
#
_entity_poly.entity_id   1
_entity_poly.type   'polypeptide(L)'
_entity_poly.pdbx_seq_one_letter_code
;GPAEESEVAIGIDLGTTYSCVGICRNGVVDIIANDQGNRTTPSYVAFTDTERLIGDAAKNQASRNPENTVFDAKRLIGRK
FSETTVQSDMKHWPFTVKGGSDGKPMIEVSYQGEKKTFHPEEISSMVLKKMKEVAETYLGKPVKNAVITVPAYFNDSQRQ
ATKDAGAIAGLNVLRIINEPTAAAIAYGLDKKGKGEQNILIFDLGGGTFDVSLLTLEDGIFEVKATSGDTHLGGEDFDNK
LVNFCVQDFKKKNGGKDVSKNSKSLRRLRTQCEKAKRVLSSSAQATIEVDSLFDGIDYNVNITRAKFEELCMDQFRNTLI
PVEKVLKDAKMDKSQVHEIVLVGGSTRIPKIQQLIKDFFNGKEP(CSX)KAINPDEAVAYGAAVQAAILSGDQSSAV
;
_entity_poly.pdbx_strand_id   A,B
#
loop_
_chem_comp.id
_chem_comp.type
_chem_comp.name
_chem_comp.formula
AN2 non-polymer 'AMP PHOSPHORAMIDATE' 'C10 H16 N6 O9 P2'
CL non-polymer 'CHLORIDE ION' 'Cl -1'
GOL non-polymer GLYCEROL 'C3 H8 O3'
JHJ non-polymer N-(4-methoxyphenyl)-N'-pyridin-4-ylurea 'C13 H13 N3 O2'
PG4 non-polymer 'TETRAETHYLENE GLYCOL' 'C8 H18 O5'
PO4 non-polymer 'PHOSPHATE ION' 'O4 P -3'
#
# COMPACT_ATOMS: atom_id res chain seq x y z
N GLU A 7 -23.87 -5.80 -22.79
CA GLU A 7 -23.10 -6.89 -23.41
C GLU A 7 -21.73 -6.38 -23.89
N VAL A 8 -21.70 -5.19 -24.49
CA VAL A 8 -20.46 -4.58 -24.98
C VAL A 8 -19.64 -4.05 -23.82
N ALA A 9 -18.34 -4.37 -23.76
CA ALA A 9 -17.47 -3.89 -22.67
C ALA A 9 -16.24 -3.15 -23.22
N ILE A 10 -15.93 -2.00 -22.62
CA ILE A 10 -14.81 -1.15 -23.01
C ILE A 10 -13.72 -1.12 -21.95
N GLY A 11 -12.52 -0.74 -22.35
CA GLY A 11 -11.41 -0.56 -21.46
C GLY A 11 -11.10 0.92 -21.41
N ILE A 12 -10.94 1.49 -20.21
CA ILE A 12 -10.68 2.90 -20.08
C ILE A 12 -9.46 3.15 -19.24
N ASP A 13 -8.50 3.89 -19.78
CA ASP A 13 -7.38 4.40 -19.05
C ASP A 13 -7.86 5.80 -18.56
N LEU A 14 -8.17 5.92 -17.25
CA LEU A 14 -8.55 7.20 -16.67
C LEU A 14 -7.24 7.83 -16.20
N GLY A 15 -6.59 8.57 -17.09
CA GLY A 15 -5.28 9.17 -16.83
C GLY A 15 -5.26 10.46 -16.05
N THR A 16 -4.08 10.83 -15.53
CA THR A 16 -3.94 12.06 -14.75
C THR A 16 -4.21 13.26 -15.61
N THR A 17 -3.62 13.28 -16.81
CA THR A 17 -3.69 14.39 -17.76
C THR A 17 -4.51 13.99 -18.98
N TYR A 18 -4.42 12.71 -19.46
CA TYR A 18 -5.16 12.19 -20.61
C TYR A 18 -5.81 10.86 -20.33
N SER A 19 -6.99 10.65 -20.94
CA SER A 19 -7.73 9.41 -20.82
C SER A 19 -7.85 8.78 -22.24
N CYS A 20 -8.08 7.46 -22.27
CA CYS A 20 -8.12 6.74 -23.54
C CYS A 20 -9.12 5.60 -23.40
N VAL A 21 -9.89 5.32 -24.47
CA VAL A 21 -10.88 4.24 -24.45
C VAL A 21 -10.62 3.29 -25.60
N GLY A 22 -10.71 1.99 -25.31
CA GLY A 22 -10.55 0.98 -26.33
C GLY A 22 -11.63 -0.08 -26.27
N ILE A 23 -11.79 -0.85 -27.35
CA ILE A 23 -12.67 -1.98 -27.39
C ILE A 23 -11.98 -3.14 -28.06
N CYS A 24 -12.15 -4.33 -27.53
CA CYS A 24 -11.56 -5.52 -28.09
C CYS A 24 -12.65 -6.39 -28.65
N ARG A 25 -12.81 -6.39 -29.97
CA ARG A 25 -13.85 -7.18 -30.63
C ARG A 25 -13.20 -8.09 -31.60
N ASN A 26 -13.65 -9.34 -31.61
CA ASN A 26 -13.15 -10.37 -32.50
C ASN A 26 -11.62 -10.55 -32.32
N GLY A 27 -11.13 -10.40 -31.09
CA GLY A 27 -9.72 -10.58 -30.81
C GLY A 27 -8.81 -9.41 -31.17
N VAL A 28 -9.35 -8.35 -31.82
CA VAL A 28 -8.50 -7.20 -32.13
C VAL A 28 -8.97 -5.97 -31.33
N VAL A 29 -8.01 -5.09 -31.01
CA VAL A 29 -8.31 -3.92 -30.24
C VAL A 29 -8.35 -2.67 -31.05
N ASP A 30 -9.45 -1.91 -30.97
CA ASP A 30 -9.52 -0.58 -31.55
C ASP A 30 -9.49 0.50 -30.45
N ILE A 31 -8.52 1.42 -30.55
CA ILE A 31 -8.48 2.58 -29.68
C ILE A 31 -9.39 3.62 -30.37
N ILE A 32 -10.42 4.10 -29.68
CA ILE A 32 -11.43 4.96 -30.29
C ILE A 32 -11.11 6.46 -30.24
N ALA A 33 -11.14 7.10 -31.40
CA ALA A 33 -10.89 8.53 -31.58
C ALA A 33 -12.13 9.28 -31.11
N ASN A 34 -11.92 10.46 -30.51
CA ASN A 34 -13.00 11.31 -30.03
C ASN A 34 -13.57 12.16 -31.18
N ASP A 35 -14.49 13.13 -30.88
CA ASP A 35 -15.10 13.88 -31.97
C ASP A 35 -14.12 14.84 -32.68
N GLN A 36 -12.95 15.13 -32.10
CA GLN A 36 -11.92 15.94 -32.76
C GLN A 36 -10.90 15.06 -33.52
N GLY A 37 -11.12 13.75 -33.58
CA GLY A 37 -10.20 12.80 -34.19
C GLY A 37 -9.02 12.45 -33.33
N ASN A 38 -9.06 12.81 -32.00
CA ASN A 38 -7.94 12.51 -31.10
C ASN A 38 -8.12 11.15 -30.41
N ARG A 39 -7.08 10.32 -30.42
CA ARG A 39 -7.12 8.98 -29.84
C ARG A 39 -7.00 8.96 -28.29
N THR A 40 -6.67 10.12 -27.68
CA THR A 40 -6.67 10.38 -26.24
C THR A 40 -7.43 11.68 -25.99
N THR A 41 -8.01 11.83 -24.78
CA THR A 41 -8.83 12.97 -24.42
C THR A 41 -8.33 13.54 -23.13
N PRO A 42 -8.07 14.86 -23.07
CA PRO A 42 -7.63 15.47 -21.79
C PRO A 42 -8.60 15.18 -20.65
N SER A 43 -8.06 14.87 -19.44
CA SER A 43 -8.87 14.60 -18.24
C SER A 43 -9.20 15.95 -17.60
N TYR A 44 -9.90 16.81 -18.38
CA TYR A 44 -10.25 18.17 -18.05
C TYR A 44 -11.74 18.35 -18.09
N VAL A 45 -12.27 19.10 -17.12
CA VAL A 45 -13.68 19.48 -17.04
C VAL A 45 -13.73 21.00 -16.77
N ALA A 46 -14.43 21.76 -17.61
CA ALA A 46 -14.56 23.20 -17.41
C ALA A 46 -16.01 23.61 -17.29
N PHE A 47 -16.25 24.68 -16.54
CA PHE A 47 -17.58 25.21 -16.31
C PHE A 47 -17.57 26.66 -16.77
N THR A 48 -18.52 27.05 -17.65
CA THR A 48 -18.64 28.41 -18.16
C THR A 48 -19.99 29.03 -17.74
N ASP A 49 -20.32 30.25 -18.23
CA ASP A 49 -21.60 30.87 -17.97
C ASP A 49 -22.74 30.06 -18.64
N THR A 50 -22.45 29.29 -19.71
CA THR A 50 -23.48 28.56 -20.43
C THR A 50 -23.37 27.05 -20.44
N GLU A 51 -22.14 26.50 -20.36
CA GLU A 51 -21.99 25.06 -20.54
C GLU A 51 -20.89 24.37 -19.69
N ARG A 52 -20.97 23.03 -19.67
CA ARG A 52 -20.02 22.14 -19.00
CA ARG A 52 -20.02 22.15 -19.00
C ARG A 52 -19.22 21.51 -20.14
N LEU A 53 -17.91 21.81 -20.23
CA LEU A 53 -17.04 21.28 -21.28
C LEU A 53 -16.18 20.15 -20.76
N ILE A 54 -15.98 19.09 -21.56
CA ILE A 54 -15.17 17.96 -21.15
C ILE A 54 -14.19 17.60 -22.25
N GLY A 55 -12.94 17.34 -21.88
CA GLY A 55 -11.94 16.91 -22.83
C GLY A 55 -11.24 18.05 -23.53
N ASP A 56 -11.09 17.90 -24.85
CA ASP A 56 -10.42 18.89 -25.69
C ASP A 56 -10.99 20.30 -25.53
N ALA A 57 -12.33 20.43 -25.53
CA ALA A 57 -12.95 21.74 -25.40
C ALA A 57 -12.62 22.39 -24.07
N ALA A 58 -12.49 21.58 -22.99
CA ALA A 58 -12.13 22.12 -21.67
C ALA A 58 -10.67 22.51 -21.63
N LYS A 59 -9.76 21.66 -22.12
CA LYS A 59 -8.34 22.02 -22.14
C LYS A 59 -8.09 23.29 -23.02
N ASN A 60 -8.78 23.38 -24.18
CA ASN A 60 -8.57 24.47 -25.11
C ASN A 60 -8.92 25.85 -24.55
N GLN A 61 -9.90 25.95 -23.62
CA GLN A 61 -10.23 27.26 -23.03
C GLN A 61 -9.63 27.44 -21.61
N ALA A 62 -8.71 26.57 -21.18
CA ALA A 62 -8.14 26.63 -19.84
C ALA A 62 -7.50 27.97 -19.50
N SER A 63 -6.73 28.54 -20.44
CA SER A 63 -6.03 29.80 -20.18
C SER A 63 -6.99 30.99 -20.07
N ARG A 64 -8.17 30.91 -20.73
CA ARG A 64 -9.22 31.95 -20.67
C ARG A 64 -10.10 31.83 -19.43
N ASN A 65 -10.18 30.64 -18.83
CA ASN A 65 -11.08 30.39 -17.71
C ASN A 65 -10.35 29.51 -16.65
N PRO A 66 -9.20 29.97 -16.12
CA PRO A 66 -8.41 29.13 -15.23
C PRO A 66 -9.08 28.70 -13.96
N GLU A 67 -9.89 29.56 -13.37
CA GLU A 67 -10.55 29.28 -12.09
C GLU A 67 -11.60 28.19 -12.16
N ASN A 68 -12.23 28.04 -13.33
CA ASN A 68 -13.33 27.10 -13.51
C ASN A 68 -12.99 25.92 -14.43
N THR A 69 -11.69 25.69 -14.68
CA THR A 69 -11.21 24.59 -15.49
C THR A 69 -10.50 23.62 -14.55
N VAL A 70 -11.09 22.43 -14.35
CA VAL A 70 -10.59 21.42 -13.42
C VAL A 70 -9.81 20.34 -14.17
N PHE A 71 -8.70 19.91 -13.57
CA PHE A 71 -7.82 18.86 -14.04
C PHE A 71 -7.14 18.27 -12.76
N ASP A 72 -6.33 17.22 -12.91
CA ASP A 72 -5.61 16.59 -11.79
C ASP A 72 -6.53 16.01 -10.72
N ALA A 73 -7.82 15.74 -11.04
CA ALA A 73 -8.70 15.15 -10.02
C ALA A 73 -8.18 13.77 -9.57
N LYS A 74 -7.38 13.08 -10.42
CA LYS A 74 -6.75 11.81 -10.07
C LYS A 74 -5.80 11.97 -8.88
N ARG A 75 -5.21 13.18 -8.66
CA ARG A 75 -4.34 13.43 -7.51
C ARG A 75 -5.13 13.58 -6.23
N LEU A 76 -6.45 13.85 -6.31
CA LEU A 76 -7.30 14.03 -5.14
C LEU A 76 -8.23 12.84 -4.88
N ILE A 77 -8.50 12.00 -5.89
CA ILE A 77 -9.51 10.94 -5.76
C ILE A 77 -9.16 9.93 -4.66
N GLY A 78 -10.11 9.69 -3.74
CA GLY A 78 -9.92 8.78 -2.63
C GLY A 78 -9.01 9.29 -1.53
N ARG A 79 -8.61 10.58 -1.56
CA ARG A 79 -7.77 11.16 -0.53
C ARG A 79 -8.55 12.05 0.46
N LYS A 80 -7.99 12.26 1.67
CA LYS A 80 -8.51 13.23 2.64
C LYS A 80 -7.84 14.56 2.29
N PHE A 81 -8.60 15.65 2.37
CA PHE A 81 -8.09 16.97 2.05
C PHE A 81 -6.85 17.34 2.86
N SER A 82 -6.74 16.84 4.08
CA SER A 82 -5.63 17.20 4.97
C SER A 82 -4.33 16.48 4.63
N GLU A 83 -4.36 15.44 3.76
CA GLU A 83 -3.13 14.73 3.34
C GLU A 83 -2.04 15.70 2.85
N THR A 84 -0.77 15.45 3.21
CA THR A 84 0.31 16.37 2.80
C THR A 84 0.48 16.46 1.29
N THR A 85 0.07 15.42 0.56
CA THR A 85 0.08 15.38 -0.90
C THR A 85 -0.83 16.49 -1.44
N VAL A 86 -2.02 16.63 -0.83
CA VAL A 86 -2.96 17.65 -1.27
C VAL A 86 -2.40 19.07 -0.99
N GLN A 87 -1.77 19.25 0.18
CA GLN A 87 -1.20 20.55 0.54
C GLN A 87 -0.13 20.99 -0.44
N SER A 88 0.68 20.06 -0.84
CA SER A 88 1.78 20.25 -1.73
C SER A 88 1.31 20.43 -3.17
N ASP A 89 0.39 19.60 -3.63
CA ASP A 89 -0.11 19.65 -5.00
C ASP A 89 -0.93 20.86 -5.31
N MET A 90 -1.69 21.36 -4.34
CA MET A 90 -2.61 22.46 -4.58
C MET A 90 -1.98 23.74 -5.09
N LYS A 91 -0.64 23.94 -4.91
CA LYS A 91 0.04 25.13 -5.45
C LYS A 91 -0.07 25.18 -6.98
N HIS A 92 -0.17 24.01 -7.62
CA HIS A 92 -0.25 23.84 -9.05
C HIS A 92 -1.67 24.08 -9.63
N TRP A 93 -2.69 24.25 -8.78
CA TRP A 93 -4.05 24.38 -9.27
C TRP A 93 -4.64 25.79 -9.21
N PRO A 94 -5.06 26.35 -10.37
CA PRO A 94 -5.73 27.67 -10.34
C PRO A 94 -7.19 27.58 -9.85
N PHE A 95 -7.75 26.39 -9.72
CA PHE A 95 -9.11 26.20 -9.24
C PHE A 95 -9.07 25.99 -7.74
N THR A 96 -10.16 26.32 -7.06
CA THR A 96 -10.21 26.23 -5.60
C THR A 96 -10.58 24.83 -5.12
N VAL A 97 -9.87 24.34 -4.10
CA VAL A 97 -10.13 23.05 -3.48
C VAL A 97 -10.16 23.30 -1.99
N LYS A 98 -11.26 22.92 -1.34
CA LYS A 98 -11.44 23.07 0.10
C LYS A 98 -11.82 21.71 0.70
N GLY A 99 -11.75 21.60 2.01
CA GLY A 99 -12.13 20.37 2.69
C GLY A 99 -13.54 20.41 3.25
N GLY A 100 -14.29 19.36 2.99
CA GLY A 100 -15.64 19.24 3.53
C GLY A 100 -15.60 18.78 4.97
N SER A 101 -16.77 18.78 5.66
CA SER A 101 -16.82 18.34 7.05
C SER A 101 -16.44 16.86 7.22
N ASP A 102 -16.68 16.05 6.18
CA ASP A 102 -16.29 14.65 6.13
C ASP A 102 -14.80 14.45 5.79
N GLY A 103 -14.04 15.54 5.61
CA GLY A 103 -12.63 15.51 5.25
C GLY A 103 -12.36 15.26 3.77
N LYS A 104 -13.41 15.15 2.94
CA LYS A 104 -13.22 14.91 1.51
C LYS A 104 -12.95 16.22 0.79
N PRO A 105 -12.06 16.21 -0.21
CA PRO A 105 -11.83 17.42 -1.00
C PRO A 105 -13.06 17.82 -1.80
N MET A 106 -13.32 19.13 -1.87
CA MET A 106 -14.43 19.73 -2.61
C MET A 106 -13.82 20.69 -3.60
N ILE A 107 -14.01 20.47 -4.88
CA ILE A 107 -13.51 21.36 -5.93
C ILE A 107 -14.58 22.40 -6.17
N GLU A 108 -14.26 23.70 -6.01
CA GLU A 108 -15.22 24.80 -6.15
C GLU A 108 -15.04 25.56 -7.45
N VAL A 109 -16.11 25.65 -8.23
CA VAL A 109 -16.12 26.37 -9.50
C VAL A 109 -17.40 27.25 -9.58
N SER A 110 -17.47 28.13 -10.58
CA SER A 110 -18.64 28.92 -10.90
C SER A 110 -19.18 28.34 -12.21
N TYR A 111 -20.46 27.96 -12.22
CA TYR A 111 -21.12 27.38 -13.39
C TYR A 111 -22.48 28.08 -13.56
N GLN A 112 -22.66 28.78 -14.69
CA GLN A 112 -23.88 29.53 -14.97
C GLN A 112 -24.16 30.57 -13.87
N GLY A 113 -23.10 31.28 -13.45
CA GLY A 113 -23.20 32.32 -12.45
C GLY A 113 -23.46 31.84 -11.03
N GLU A 114 -23.29 30.54 -10.77
CA GLU A 114 -23.52 29.98 -9.43
C GLU A 114 -22.31 29.22 -8.90
N LYS A 115 -22.08 29.28 -7.59
CA LYS A 115 -20.99 28.52 -6.97
C LYS A 115 -21.41 27.04 -6.85
N LYS A 116 -20.61 26.14 -7.40
CA LYS A 116 -20.85 24.69 -7.36
C LYS A 116 -19.61 23.97 -6.79
N THR A 117 -19.84 22.92 -5.99
CA THR A 117 -18.75 22.11 -5.43
C THR A 117 -18.87 20.66 -5.91
N PHE A 118 -17.73 20.01 -6.15
CA PHE A 118 -17.71 18.63 -6.61
C PHE A 118 -16.66 17.82 -5.88
N HIS A 119 -16.96 16.56 -5.55
CA HIS A 119 -15.95 15.65 -5.02
C HIS A 119 -15.07 15.21 -6.23
N PRO A 120 -13.82 14.76 -5.97
CA PRO A 120 -12.94 14.33 -7.06
C PRO A 120 -13.56 13.24 -7.96
N GLU A 121 -14.29 12.28 -7.36
CA GLU A 121 -14.93 11.20 -8.12
C GLU A 121 -16.07 11.72 -9.02
N GLU A 122 -16.66 12.89 -8.70
CA GLU A 122 -17.67 13.49 -9.56
C GLU A 122 -17.00 14.09 -10.79
N ILE A 123 -15.84 14.73 -10.63
CA ILE A 123 -15.11 15.25 -11.78
C ILE A 123 -14.64 14.07 -12.66
N SER A 124 -14.10 13.02 -12.04
CA SER A 124 -13.63 11.85 -12.79
C SER A 124 -14.78 11.13 -13.49
N SER A 125 -15.99 11.14 -12.89
CA SER A 125 -17.18 10.55 -13.49
C SER A 125 -17.52 11.29 -14.80
N MET A 126 -17.29 12.61 -14.87
CA MET A 126 -17.55 13.37 -16.08
C MET A 126 -16.57 13.00 -17.19
N VAL A 127 -15.30 12.76 -16.84
CA VAL A 127 -14.32 12.31 -17.84
C VAL A 127 -14.71 10.91 -18.34
N LEU A 128 -15.08 10.02 -17.39
CA LEU A 128 -15.49 8.67 -17.72
C LEU A 128 -16.72 8.66 -18.60
N LYS A 129 -17.67 9.56 -18.34
CA LYS A 129 -18.91 9.71 -19.12
C LYS A 129 -18.58 10.14 -20.54
N LYS A 130 -17.61 11.05 -20.71
CA LYS A 130 -17.15 11.47 -22.02
C LYS A 130 -16.54 10.29 -22.77
N MET A 131 -15.68 9.50 -22.12
CA MET A 131 -15.04 8.33 -22.75
C MET A 131 -16.09 7.28 -23.14
N LYS A 132 -17.13 7.10 -22.29
CA LYS A 132 -18.22 6.18 -22.55
C LYS A 132 -18.94 6.64 -23.84
N GLU A 133 -19.22 7.96 -23.96
CA GLU A 133 -19.87 8.56 -25.12
C GLU A 133 -19.02 8.47 -26.36
N VAL A 134 -17.70 8.59 -26.24
CA VAL A 134 -16.78 8.45 -27.37
C VAL A 134 -16.93 7.03 -27.95
N ALA A 135 -17.00 6.01 -27.08
CA ALA A 135 -17.16 4.63 -27.53
C ALA A 135 -18.53 4.43 -28.13
N GLU A 136 -19.57 4.99 -27.51
CA GLU A 136 -20.96 4.85 -27.99
C GLU A 136 -21.18 5.46 -29.36
N THR A 137 -20.56 6.62 -29.64
CA THR A 137 -20.68 7.26 -30.94
C THR A 137 -20.06 6.36 -32.01
N TYR A 138 -18.91 5.76 -31.71
CA TYR A 138 -18.24 4.85 -32.60
C TYR A 138 -19.04 3.55 -32.82
N LEU A 139 -19.55 2.96 -31.75
CA LEU A 139 -20.32 1.71 -31.85
C LEU A 139 -21.74 1.88 -32.34
N GLY A 140 -22.30 3.07 -32.17
CA GLY A 140 -23.68 3.35 -32.53
C GLY A 140 -24.69 2.62 -31.65
N LYS A 141 -24.25 2.19 -30.45
CA LYS A 141 -25.04 1.45 -29.47
C LYS A 141 -24.58 1.86 -28.07
N PRO A 142 -25.47 1.77 -27.06
CA PRO A 142 -25.05 2.09 -25.69
C PRO A 142 -24.04 1.08 -25.14
N VAL A 143 -23.15 1.55 -24.25
CA VAL A 143 -22.08 0.79 -23.60
C VAL A 143 -22.32 0.84 -22.12
N LYS A 144 -22.37 -0.32 -21.44
CA LYS A 144 -22.63 -0.35 -20.00
C LYS A 144 -21.46 -0.89 -19.20
N ASN A 145 -20.72 -1.85 -19.72
CA ASN A 145 -19.65 -2.51 -18.99
C ASN A 145 -18.30 -1.94 -19.29
N ALA A 146 -17.41 -1.92 -18.30
CA ALA A 146 -16.07 -1.36 -18.48
C ALA A 146 -15.07 -1.92 -17.49
N VAL A 147 -13.80 -1.94 -17.90
CA VAL A 147 -12.66 -2.18 -17.03
C VAL A 147 -11.95 -0.84 -16.99
N ILE A 148 -11.70 -0.32 -15.76
CA ILE A 148 -11.01 0.93 -15.54
C ILE A 148 -9.67 0.63 -14.84
N THR A 149 -8.61 1.30 -15.28
CA THR A 149 -7.30 1.10 -14.73
C THR A 149 -6.96 2.17 -13.68
N VAL A 150 -6.05 1.82 -12.77
CA VAL A 150 -5.54 2.72 -11.71
C VAL A 150 -4.05 2.41 -11.53
N PRO A 151 -3.26 3.36 -11.02
CA PRO A 151 -1.84 3.05 -10.72
C PRO A 151 -1.72 1.90 -9.73
N ALA A 152 -0.67 1.10 -9.85
CA ALA A 152 -0.43 -0.04 -8.94
C ALA A 152 -0.40 0.36 -7.49
N TYR A 153 0.09 1.55 -7.15
CA TYR A 153 0.20 2.00 -5.75
C TYR A 153 -1.12 2.56 -5.18
N PHE A 154 -2.20 2.67 -5.99
CA PHE A 154 -3.48 3.17 -5.48
C PHE A 154 -3.98 2.27 -4.35
N ASN A 155 -4.39 2.91 -3.26
CA ASN A 155 -4.88 2.17 -2.10
C ASN A 155 -6.37 1.83 -2.28
N ASP A 156 -6.97 1.15 -1.31
CA ASP A 156 -8.36 0.77 -1.36
C ASP A 156 -9.28 1.98 -1.52
N SER A 157 -8.98 3.09 -0.82
CA SER A 157 -9.84 4.28 -0.90
C SER A 157 -9.80 4.89 -2.30
N GLN A 158 -8.61 4.94 -2.92
CA GLN A 158 -8.42 5.48 -4.26
C GLN A 158 -9.10 4.60 -5.29
N ARG A 159 -8.99 3.25 -5.15
CA ARG A 159 -9.65 2.30 -6.06
C ARG A 159 -11.16 2.37 -5.95
N GLN A 160 -11.67 2.42 -4.73
CA GLN A 160 -13.10 2.48 -4.48
C GLN A 160 -13.72 3.75 -5.04
N ALA A 161 -13.05 4.88 -4.84
CA ALA A 161 -13.53 6.15 -5.35
C ALA A 161 -13.50 6.16 -6.90
N THR A 162 -12.49 5.51 -7.52
CA THR A 162 -12.42 5.39 -8.98
C THR A 162 -13.59 4.51 -9.51
N LYS A 163 -13.92 3.41 -8.78
CA LYS A 163 -15.05 2.52 -9.11
C LYS A 163 -16.35 3.32 -9.02
N ASP A 164 -16.50 4.15 -7.97
CA ASP A 164 -17.65 5.04 -7.75
C ASP A 164 -17.78 6.06 -8.88
N ALA A 165 -16.66 6.63 -9.36
CA ALA A 165 -16.68 7.53 -10.50
C ALA A 165 -17.31 6.82 -11.75
N GLY A 166 -16.98 5.55 -11.92
CA GLY A 166 -17.51 4.73 -13.01
C GLY A 166 -19.00 4.53 -12.84
N ALA A 167 -19.45 4.18 -11.63
CA ALA A 167 -20.88 3.97 -11.34
C ALA A 167 -21.66 5.27 -11.57
N ILE A 168 -21.10 6.43 -11.18
CA ILE A 168 -21.76 7.73 -11.40
C ILE A 168 -21.89 8.00 -12.90
N ALA A 169 -20.87 7.60 -13.69
CA ALA A 169 -20.88 7.78 -15.15
C ALA A 169 -21.83 6.87 -15.89
N GLY A 170 -22.48 5.94 -15.18
CA GLY A 170 -23.42 4.99 -15.77
C GLY A 170 -22.80 3.68 -16.22
N LEU A 171 -21.56 3.42 -15.78
CA LEU A 171 -20.83 2.21 -16.16
C LEU A 171 -20.93 1.17 -15.07
N ASN A 172 -21.04 -0.08 -15.45
CA ASN A 172 -20.96 -1.24 -14.60
C ASN A 172 -19.47 -1.59 -14.66
N VAL A 173 -18.73 -1.29 -13.59
CA VAL A 173 -17.31 -1.55 -13.56
C VAL A 173 -17.04 -3.02 -13.28
N LEU A 174 -16.67 -3.77 -14.33
CA LEU A 174 -16.39 -5.20 -14.19
C LEU A 174 -15.22 -5.44 -13.27
N ARG A 175 -14.20 -4.58 -13.36
CA ARG A 175 -13.00 -4.70 -12.56
C ARG A 175 -12.15 -3.46 -12.64
N ILE A 176 -11.44 -3.15 -11.55
CA ILE A 176 -10.42 -2.11 -11.47
C ILE A 176 -9.09 -2.87 -11.60
N ILE A 177 -8.23 -2.55 -12.56
CA ILE A 177 -6.94 -3.27 -12.71
C ILE A 177 -5.78 -2.29 -12.69
N ASN A 178 -4.54 -2.77 -12.44
CA ASN A 178 -3.34 -1.95 -12.40
C ASN A 178 -2.91 -1.53 -13.80
N GLU A 179 -2.45 -0.28 -13.91
CA GLU A 179 -1.96 0.27 -15.17
C GLU A 179 -0.78 -0.54 -15.75
N PRO A 180 0.27 -0.85 -14.96
CA PRO A 180 1.40 -1.61 -15.53
C PRO A 180 0.98 -2.99 -16.02
N THR A 181 0.08 -3.64 -15.31
CA THR A 181 -0.42 -4.94 -15.69
C THR A 181 -1.23 -4.82 -16.97
N ALA A 182 -2.08 -3.78 -17.10
CA ALA A 182 -2.84 -3.55 -18.34
C ALA A 182 -1.90 -3.39 -19.56
N ALA A 183 -0.79 -2.64 -19.40
CA ALA A 183 0.19 -2.47 -20.47
C ALA A 183 0.82 -3.81 -20.85
N ALA A 184 1.15 -4.67 -19.86
CA ALA A 184 1.73 -5.98 -20.13
C ALA A 184 0.73 -6.87 -20.88
N ILE A 185 -0.57 -6.83 -20.48
CA ILE A 185 -1.65 -7.61 -21.11
C ILE A 185 -1.80 -7.15 -22.57
N ALA A 186 -1.66 -5.83 -22.86
CA ALA A 186 -1.73 -5.29 -24.21
C ALA A 186 -0.74 -5.96 -25.14
N TYR A 187 0.47 -6.26 -24.64
CA TYR A 187 1.50 -6.89 -25.47
C TYR A 187 1.43 -8.41 -25.50
N GLY A 188 0.44 -9.02 -24.84
CA GLY A 188 0.26 -10.46 -24.81
C GLY A 188 1.38 -11.17 -24.06
N LEU A 189 2.08 -10.45 -23.15
CA LEU A 189 3.19 -11.01 -22.37
C LEU A 189 2.73 -12.06 -21.36
N ASP A 190 1.40 -12.13 -21.07
CA ASP A 190 0.80 -13.18 -20.22
C ASP A 190 0.72 -14.52 -20.99
N LYS A 191 0.48 -14.45 -22.30
CA LYS A 191 0.38 -15.64 -23.14
C LYS A 191 1.70 -15.95 -23.86
N LYS A 192 2.69 -15.03 -23.86
CA LYS A 192 3.94 -15.23 -24.61
C LYS A 192 4.75 -16.38 -24.08
N GLY A 193 4.72 -17.47 -24.84
CA GLY A 193 5.42 -18.71 -24.52
C GLY A 193 5.02 -19.28 -23.16
N LYS A 194 6.02 -19.57 -22.34
CA LYS A 194 5.87 -20.13 -21.00
C LYS A 194 7.10 -19.74 -20.13
N GLY A 195 7.10 -20.13 -18.86
CA GLY A 195 8.18 -19.82 -17.95
C GLY A 195 8.07 -18.44 -17.35
N GLU A 196 8.83 -18.17 -16.28
CA GLU A 196 8.79 -16.88 -15.60
C GLU A 196 9.39 -15.80 -16.48
N GLN A 197 8.75 -14.64 -16.49
CA GLN A 197 9.17 -13.49 -17.29
C GLN A 197 9.18 -12.27 -16.39
N ASN A 198 10.30 -11.55 -16.36
CA ASN A 198 10.48 -10.31 -15.58
C ASN A 198 10.24 -9.15 -16.55
N ILE A 199 9.17 -8.39 -16.32
CA ILE A 199 8.77 -7.31 -17.20
C ILE A 199 8.88 -5.97 -16.49
N LEU A 200 9.61 -5.02 -17.09
CA LEU A 200 9.70 -3.67 -16.53
C LEU A 200 8.80 -2.73 -17.33
N ILE A 201 7.86 -2.06 -16.66
CA ILE A 201 6.99 -1.08 -17.31
C ILE A 201 7.56 0.31 -16.98
N PHE A 202 7.91 1.07 -18.00
CA PHE A 202 8.44 2.41 -17.87
C PHE A 202 7.34 3.34 -18.35
N ASP A 203 6.59 3.93 -17.42
CA ASP A 203 5.44 4.79 -17.73
C ASP A 203 5.70 6.26 -17.43
N LEU A 204 5.97 7.06 -18.47
CA LEU A 204 6.22 8.49 -18.28
C LEU A 204 5.14 9.28 -19.02
N GLY A 205 4.17 9.79 -18.29
CA GLY A 205 3.03 10.50 -18.85
C GLY A 205 3.14 12.01 -18.87
N GLY A 206 2.01 12.68 -18.62
CA GLY A 206 1.96 14.13 -18.63
C GLY A 206 2.34 14.76 -17.31
N GLY A 207 2.00 14.09 -16.22
CA GLY A 207 2.35 14.60 -14.91
C GLY A 207 3.12 13.66 -14.02
N THR A 208 3.12 12.35 -14.31
CA THR A 208 3.73 11.36 -13.42
C THR A 208 4.67 10.41 -14.14
N PHE A 209 5.50 9.74 -13.35
CA PHE A 209 6.46 8.77 -13.80
C PHE A 209 6.36 7.54 -12.88
N ASP A 210 6.04 6.38 -13.44
CA ASP A 210 5.87 5.14 -12.71
C ASP A 210 6.66 4.05 -13.36
N VAL A 211 7.50 3.38 -12.57
CA VAL A 211 8.26 2.23 -13.01
C VAL A 211 7.78 1.04 -12.18
N SER A 212 7.42 -0.05 -12.84
CA SER A 212 6.90 -1.24 -12.17
C SER A 212 7.60 -2.47 -12.69
N LEU A 213 8.03 -3.32 -11.77
CA LEU A 213 8.67 -4.56 -12.12
C LEU A 213 7.68 -5.67 -11.84
N LEU A 214 7.25 -6.36 -12.90
CA LEU A 214 6.27 -7.43 -12.85
C LEU A 214 6.95 -8.75 -13.09
N THR A 215 6.35 -9.80 -12.57
CA THR A 215 6.74 -11.15 -12.87
C THR A 215 5.49 -11.86 -13.36
N LEU A 216 5.63 -12.63 -14.43
CA LEU A 216 4.52 -13.37 -15.05
C LEU A 216 4.90 -14.83 -15.06
N GLU A 217 4.28 -15.64 -14.20
CA GLU A 217 4.48 -17.09 -14.24
C GLU A 217 3.13 -17.78 -14.37
N ASP A 218 2.93 -18.48 -15.51
CA ASP A 218 1.73 -19.25 -15.81
C ASP A 218 0.46 -18.38 -15.92
N GLY A 219 0.55 -17.32 -16.72
CA GLY A 219 -0.56 -16.38 -16.96
C GLY A 219 -0.94 -15.49 -15.80
N ILE A 220 -0.18 -15.55 -14.71
CA ILE A 220 -0.45 -14.74 -13.51
C ILE A 220 0.57 -13.60 -13.35
N PHE A 221 0.10 -12.34 -13.32
CA PHE A 221 1.00 -11.18 -13.15
C PHE A 221 1.12 -10.72 -11.69
N GLU A 222 2.34 -10.62 -11.16
CA GLU A 222 2.56 -10.11 -9.81
C GLU A 222 3.38 -8.82 -9.92
N VAL A 223 3.00 -7.79 -9.17
CA VAL A 223 3.77 -6.55 -9.10
C VAL A 223 4.82 -6.75 -8.00
N LYS A 224 6.07 -6.99 -8.38
CA LYS A 224 7.15 -7.22 -7.45
C LYS A 224 7.61 -5.93 -6.77
N ALA A 225 7.88 -4.88 -7.54
CA ALA A 225 8.35 -3.61 -6.97
C ALA A 225 7.89 -2.45 -7.84
N THR A 226 7.67 -1.28 -7.24
CA THR A 226 7.27 -0.09 -7.95
C THR A 226 8.07 1.11 -7.42
N SER A 227 8.26 2.11 -8.26
CA SER A 227 8.95 3.34 -7.88
C SER A 227 8.59 4.40 -8.94
N GLY A 228 9.13 5.59 -8.82
CA GLY A 228 8.88 6.66 -9.77
C GLY A 228 8.92 8.00 -9.11
N ASP A 229 8.14 8.93 -9.64
CA ASP A 229 8.09 10.28 -9.18
C ASP A 229 6.72 10.82 -9.60
N THR A 230 5.89 11.13 -8.62
CA THR A 230 4.54 11.66 -8.82
C THR A 230 4.52 13.04 -9.44
N HIS A 231 5.68 13.73 -9.60
CA HIS A 231 5.74 15.04 -10.21
C HIS A 231 6.81 15.17 -11.26
N LEU A 232 6.93 14.15 -12.11
CA LEU A 232 7.86 14.19 -13.23
C LEU A 232 7.10 13.62 -14.41
N GLY A 233 6.97 14.43 -15.44
CA GLY A 233 6.25 14.06 -16.64
C GLY A 233 6.44 15.10 -17.73
N GLY A 234 5.66 14.98 -18.79
CA GLY A 234 5.75 15.90 -19.91
C GLY A 234 5.62 17.36 -19.55
N GLU A 235 4.78 17.71 -18.55
CA GLU A 235 4.58 19.11 -18.17
C GLU A 235 5.88 19.75 -17.61
N ASP A 236 6.76 18.95 -17.02
CA ASP A 236 8.04 19.42 -16.51
C ASP A 236 9.02 19.71 -17.66
N PHE A 237 8.91 18.98 -18.78
CA PHE A 237 9.72 19.22 -19.97
C PHE A 237 9.20 20.47 -20.66
N ASP A 238 7.87 20.69 -20.68
CA ASP A 238 7.26 21.90 -21.25
C ASP A 238 7.74 23.10 -20.44
N ASN A 239 7.79 22.99 -19.10
CA ASN A 239 8.25 24.05 -18.19
C ASN A 239 9.70 24.42 -18.46
N LYS A 240 10.55 23.47 -18.86
CA LYS A 240 11.94 23.76 -19.22
C LYS A 240 11.97 24.66 -20.45
N LEU A 241 11.07 24.43 -21.41
CA LEU A 241 10.98 25.26 -22.60
C LEU A 241 10.40 26.64 -22.23
N VAL A 242 9.39 26.67 -21.34
CA VAL A 242 8.79 27.91 -20.85
C VAL A 242 9.85 28.79 -20.19
N ASN A 243 10.59 28.26 -19.17
CA ASN A 243 11.68 28.98 -18.48
C ASN A 243 12.73 29.52 -19.46
N PHE A 244 13.10 28.72 -20.48
CA PHE A 244 14.05 29.16 -21.49
C PHE A 244 13.49 30.35 -22.31
N CYS A 245 12.24 30.24 -22.77
CA CYS A 245 11.58 31.26 -23.57
C CYS A 245 11.42 32.55 -22.82
N VAL A 246 11.12 32.47 -21.50
CA VAL A 246 10.95 33.63 -20.62
C VAL A 246 12.26 34.41 -20.57
N GLN A 247 13.39 33.68 -20.46
CA GLN A 247 14.73 34.27 -20.44
C GLN A 247 15.16 34.81 -21.81
N ASP A 248 14.73 34.13 -22.87
CA ASP A 248 15.02 34.56 -24.25
C ASP A 248 14.24 35.84 -24.59
N PHE A 249 13.00 35.95 -24.09
CA PHE A 249 12.17 37.15 -24.29
C PHE A 249 12.83 38.34 -23.58
N LYS A 250 13.40 38.12 -22.37
CA LYS A 250 14.11 39.13 -21.60
C LYS A 250 15.27 39.70 -22.42
N LYS A 251 16.10 38.81 -23.02
CA LYS A 251 17.25 39.19 -23.85
C LYS A 251 16.86 39.89 -25.14
N LYS A 252 15.64 39.68 -25.63
CA LYS A 252 15.17 40.30 -26.86
C LYS A 252 14.42 41.61 -26.63
N ASN A 253 13.76 41.74 -25.47
CA ASN A 253 12.88 42.88 -25.21
C ASN A 253 13.22 43.69 -23.94
N GLY A 254 14.49 44.08 -23.81
CA GLY A 254 15.02 44.90 -22.71
C GLY A 254 14.64 44.51 -21.30
N GLY A 255 14.71 43.22 -20.97
CA GLY A 255 14.43 42.74 -19.62
C GLY A 255 12.98 42.48 -19.26
N LYS A 256 12.04 42.69 -20.20
CA LYS A 256 10.61 42.46 -19.95
C LYS A 256 10.35 41.01 -19.55
N ASP A 257 9.59 40.82 -18.45
CA ASP A 257 9.35 39.52 -17.83
C ASP A 257 7.94 39.02 -18.03
N VAL A 258 7.80 38.05 -18.95
CA VAL A 258 6.55 37.38 -19.29
C VAL A 258 5.93 36.67 -18.08
N SER A 259 6.77 36.15 -17.17
CA SER A 259 6.30 35.42 -16.00
C SER A 259 5.45 36.25 -15.04
N LYS A 260 5.47 37.58 -15.17
CA LYS A 260 4.63 38.46 -14.37
C LYS A 260 3.14 38.32 -14.75
N ASN A 261 2.84 37.88 -15.98
CA ASN A 261 1.49 37.67 -16.49
C ASN A 261 1.23 36.16 -16.61
N SER A 262 0.30 35.63 -15.80
CA SER A 262 0.01 34.20 -15.79
C SER A 262 -0.65 33.72 -17.09
N LYS A 263 -1.43 34.59 -17.76
CA LYS A 263 -2.03 34.22 -19.04
C LYS A 263 -0.96 34.14 -20.14
N SER A 264 0.05 35.03 -20.09
CA SER A 264 1.17 34.99 -21.03
C SER A 264 1.94 33.69 -20.86
N LEU A 265 2.13 33.23 -19.61
CA LEU A 265 2.82 31.97 -19.34
C LEU A 265 2.05 30.78 -19.88
N ARG A 266 0.71 30.75 -19.67
CA ARG A 266 -0.16 29.67 -20.12
C ARG A 266 -0.15 29.56 -21.64
N ARG A 267 -0.21 30.69 -22.34
CA ARG A 267 -0.18 30.70 -23.81
C ARG A 267 1.17 30.21 -24.31
N LEU A 268 2.25 30.57 -23.62
CA LEU A 268 3.59 30.14 -23.98
C LEU A 268 3.74 28.62 -23.74
N ARG A 269 3.19 28.12 -22.63
CA ARG A 269 3.23 26.72 -22.25
C ARG A 269 2.53 25.83 -23.31
N THR A 270 1.38 26.28 -23.83
CA THR A 270 0.66 25.58 -24.88
C THR A 270 1.54 25.38 -26.12
N GLN A 271 2.23 26.44 -26.53
CA GLN A 271 3.12 26.39 -27.69
C GLN A 271 4.38 25.60 -27.44
N CYS A 272 4.91 25.63 -26.20
CA CYS A 272 6.10 24.89 -25.79
C CYS A 272 5.83 23.39 -25.88
N GLU A 273 4.64 22.96 -25.46
CA GLU A 273 4.28 21.56 -25.51
C GLU A 273 4.16 21.10 -26.96
N LYS A 274 3.57 21.93 -27.86
CA LYS A 274 3.43 21.56 -29.27
C LYS A 274 4.80 21.40 -29.91
N ALA A 275 5.72 22.35 -29.68
CA ALA A 275 7.09 22.28 -30.20
C ALA A 275 7.80 21.01 -29.68
N LYS A 276 7.63 20.65 -28.39
CA LYS A 276 8.19 19.44 -27.78
C LYS A 276 7.77 18.20 -28.56
N ARG A 277 6.48 18.08 -28.89
CA ARG A 277 5.96 16.96 -29.66
C ARG A 277 6.61 16.87 -31.03
N VAL A 278 6.76 18.02 -31.74
CA VAL A 278 7.39 18.09 -33.06
C VAL A 278 8.82 17.59 -32.97
N LEU A 279 9.55 18.00 -31.93
CA LEU A 279 10.94 17.59 -31.67
C LEU A 279 11.12 16.07 -31.47
N SER A 280 10.02 15.31 -31.25
CA SER A 280 10.12 13.85 -31.13
C SER A 280 10.30 13.21 -32.54
N SER A 281 9.94 13.91 -33.63
CA SER A 281 10.13 13.37 -34.97
C SER A 281 10.91 14.32 -35.91
N SER A 282 11.19 15.56 -35.48
CA SER A 282 11.99 16.49 -36.28
C SER A 282 13.21 16.97 -35.49
N ALA A 283 14.21 17.52 -36.18
CA ALA A 283 15.41 18.03 -35.53
C ALA A 283 15.24 19.45 -34.98
N GLN A 284 14.20 20.16 -35.41
CA GLN A 284 13.94 21.55 -35.06
C GLN A 284 12.46 21.81 -34.97
N ALA A 285 12.09 22.85 -34.24
CA ALA A 285 10.70 23.27 -34.09
C ALA A 285 10.65 24.76 -33.74
N THR A 286 9.53 25.41 -34.02
CA THR A 286 9.36 26.81 -33.74
C THR A 286 8.35 27.01 -32.62
N ILE A 287 8.67 27.88 -31.64
CA ILE A 287 7.75 28.27 -30.58
C ILE A 287 7.36 29.69 -30.97
N GLU A 288 6.08 29.91 -31.25
CA GLU A 288 5.61 31.20 -31.71
C GLU A 288 4.35 31.59 -30.95
N VAL A 289 4.33 32.81 -30.39
CA VAL A 289 3.16 33.37 -29.71
C VAL A 289 3.01 34.82 -30.15
N ASP A 290 1.97 35.12 -30.94
CA ASP A 290 1.74 36.48 -31.38
C ASP A 290 1.15 37.28 -30.22
N SER A 291 1.66 38.50 -29.99
CA SER A 291 1.23 39.39 -28.90
C SER A 291 1.25 38.65 -27.55
N LEU A 292 2.42 38.13 -27.18
CA LEU A 292 2.63 37.34 -25.97
C LEU A 292 2.49 38.16 -24.69
N PHE A 293 3.19 39.31 -24.61
CA PHE A 293 3.23 40.19 -23.45
C PHE A 293 3.50 41.60 -23.95
N ASP A 294 2.69 42.58 -23.49
CA ASP A 294 2.81 43.98 -23.93
C ASP A 294 2.68 44.13 -25.45
N GLY A 295 1.83 43.32 -26.05
CA GLY A 295 1.61 43.33 -27.50
C GLY A 295 2.83 42.94 -28.33
N ILE A 296 3.84 42.34 -27.68
CA ILE A 296 5.07 41.95 -28.37
C ILE A 296 4.97 40.53 -28.87
N ASP A 297 5.27 40.33 -30.17
CA ASP A 297 5.26 39.00 -30.77
C ASP A 297 6.51 38.24 -30.34
N TYR A 298 6.37 36.93 -30.11
CA TYR A 298 7.50 36.10 -29.73
C TYR A 298 7.67 34.97 -30.72
N ASN A 299 8.91 34.68 -31.05
CA ASN A 299 9.27 33.63 -31.98
C ASN A 299 10.67 33.13 -31.61
N VAL A 300 10.86 31.81 -31.61
CA VAL A 300 12.17 31.21 -31.33
C VAL A 300 12.24 29.84 -31.98
N ASN A 301 13.44 29.45 -32.43
CA ASN A 301 13.64 28.13 -33.00
C ASN A 301 14.40 27.27 -31.99
N ILE A 302 13.87 26.09 -31.70
CA ILE A 302 14.48 25.17 -30.76
C ILE A 302 14.92 23.93 -31.49
N THR A 303 16.21 23.57 -31.39
CA THR A 303 16.70 22.32 -31.96
C THR A 303 16.43 21.20 -30.94
N ARG A 304 16.40 19.95 -31.40
CA ARG A 304 16.23 18.78 -30.54
C ARG A 304 17.37 18.73 -29.51
N ALA A 305 18.60 19.07 -29.94
CA ALA A 305 19.77 19.14 -29.08
C ALA A 305 19.60 20.14 -27.93
N LYS A 306 18.97 21.32 -28.18
CA LYS A 306 18.74 22.31 -27.13
C LYS A 306 17.70 21.81 -26.14
N PHE A 307 16.66 21.13 -26.62
CA PHE A 307 15.63 20.56 -25.78
C PHE A 307 16.25 19.47 -24.89
N GLU A 308 17.08 18.61 -25.48
CA GLU A 308 17.78 17.55 -24.77
C GLU A 308 18.70 18.11 -23.69
N GLU A 309 19.35 19.24 -23.98
CA GLU A 309 20.25 19.92 -23.07
C GLU A 309 19.45 20.49 -21.90
N LEU A 310 18.34 21.21 -22.16
CA LEU A 310 17.52 21.79 -21.09
C LEU A 310 16.98 20.74 -20.17
N CYS A 311 16.63 19.54 -20.70
CA CYS A 311 16.01 18.43 -19.95
C CYS A 311 16.97 17.32 -19.54
N MET A 312 18.26 17.47 -19.84
CA MET A 312 19.33 16.51 -19.61
C MET A 312 19.29 15.80 -18.28
N ASP A 313 19.19 16.54 -17.17
CA ASP A 313 19.15 15.96 -15.83
C ASP A 313 17.85 15.20 -15.61
N GLN A 314 16.73 15.78 -16.00
CA GLN A 314 15.43 15.15 -15.84
C GLN A 314 15.31 13.85 -16.59
N PHE A 315 15.85 13.80 -17.80
CA PHE A 315 15.82 12.60 -18.62
C PHE A 315 16.67 11.50 -17.99
N ARG A 316 17.92 11.82 -17.62
CA ARG A 316 18.85 10.90 -17.00
C ARG A 316 18.31 10.37 -15.65
N ASN A 317 17.66 11.25 -14.87
CA ASN A 317 17.11 10.86 -13.58
C ASN A 317 15.96 9.88 -13.65
N THR A 318 15.37 9.66 -14.83
CA THR A 318 14.35 8.64 -14.98
C THR A 318 14.93 7.25 -14.73
N LEU A 319 16.24 7.06 -14.91
CA LEU A 319 16.90 5.79 -14.63
C LEU A 319 17.02 5.48 -13.14
N ILE A 320 16.96 6.51 -12.26
CA ILE A 320 17.10 6.32 -10.81
C ILE A 320 15.97 5.40 -10.26
N PRO A 321 14.67 5.64 -10.57
CA PRO A 321 13.62 4.69 -10.13
C PRO A 321 13.72 3.31 -10.80
N VAL A 322 14.34 3.21 -11.97
CA VAL A 322 14.55 1.92 -12.61
C VAL A 322 15.55 1.10 -11.75
N GLU A 323 16.65 1.76 -11.32
CA GLU A 323 17.65 1.12 -10.47
C GLU A 323 17.03 0.73 -9.13
N LYS A 324 16.17 1.60 -8.58
CA LYS A 324 15.47 1.32 -7.33
C LYS A 324 14.58 0.07 -7.40
N VAL A 325 13.72 -0.09 -8.45
CA VAL A 325 12.86 -1.28 -8.51
C VAL A 325 13.68 -2.55 -8.66
N LEU A 326 14.79 -2.50 -9.41
CA LEU A 326 15.62 -3.67 -9.61
C LEU A 326 16.26 -4.08 -8.27
N LYS A 327 16.74 -3.08 -7.50
CA LYS A 327 17.30 -3.29 -6.16
C LYS A 327 16.23 -3.87 -5.20
N ASP A 328 15.03 -3.28 -5.14
CA ASP A 328 13.94 -3.77 -4.30
C ASP A 328 13.55 -5.20 -4.64
N ALA A 329 13.50 -5.52 -5.93
CA ALA A 329 13.16 -6.88 -6.35
C ALA A 329 14.35 -7.85 -6.28
N LYS A 330 15.54 -7.36 -5.86
CA LYS A 330 16.76 -8.14 -5.75
C LYS A 330 17.10 -8.81 -7.08
N MET A 331 17.06 -8.05 -8.19
CA MET A 331 17.40 -8.61 -9.49
C MET A 331 18.26 -7.66 -10.30
N ASP A 332 19.05 -8.25 -11.23
CA ASP A 332 19.96 -7.53 -12.11
C ASP A 332 19.21 -7.06 -13.35
N LYS A 333 19.66 -5.96 -13.97
CA LYS A 333 19.02 -5.43 -15.18
C LYS A 333 19.04 -6.43 -16.33
N SER A 334 20.03 -7.33 -16.34
CA SER A 334 20.17 -8.39 -17.34
C SER A 334 19.06 -9.43 -17.25
N GLN A 335 18.34 -9.48 -16.10
CA GLN A 335 17.24 -10.44 -15.88
C GLN A 335 15.89 -9.96 -16.37
N VAL A 336 15.79 -8.72 -16.84
CA VAL A 336 14.55 -8.19 -17.38
C VAL A 336 14.37 -8.72 -18.83
N HIS A 337 13.27 -9.47 -19.07
CA HIS A 337 12.92 -10.03 -20.36
C HIS A 337 12.34 -8.99 -21.30
N GLU A 338 11.45 -8.11 -20.80
CA GLU A 338 10.82 -7.09 -21.65
C GLU A 338 10.76 -5.77 -20.92
N ILE A 339 11.04 -4.65 -21.64
CA ILE A 339 10.91 -3.28 -21.15
C ILE A 339 9.76 -2.67 -21.99
N VAL A 340 8.63 -2.37 -21.36
CA VAL A 340 7.49 -1.80 -22.08
C VAL A 340 7.44 -0.27 -21.88
N LEU A 341 7.42 0.50 -22.99
CA LEU A 341 7.30 1.93 -22.92
C LEU A 341 5.85 2.33 -22.93
N VAL A 342 5.42 3.03 -21.85
CA VAL A 342 4.04 3.51 -21.65
C VAL A 342 4.09 5.02 -21.37
N GLY A 343 3.06 5.76 -21.77
CA GLY A 343 2.97 7.18 -21.52
C GLY A 343 3.45 7.97 -22.70
N GLY A 344 2.77 9.08 -22.98
CA GLY A 344 3.10 9.92 -24.12
C GLY A 344 4.53 10.42 -24.14
N SER A 345 5.16 10.64 -22.99
CA SER A 345 6.54 11.16 -22.96
C SER A 345 7.58 10.12 -23.41
N THR A 346 7.23 8.82 -23.41
CA THR A 346 8.18 7.80 -23.90
C THR A 346 8.43 7.91 -25.40
N ARG A 347 7.73 8.83 -26.10
CA ARG A 347 7.94 9.09 -27.52
CA ARG A 347 7.94 9.07 -27.52
C ARG A 347 9.21 9.92 -27.76
N ILE A 348 9.75 10.55 -26.70
CA ILE A 348 10.94 11.38 -26.79
C ILE A 348 12.13 10.50 -27.12
N PRO A 349 12.76 10.71 -28.28
CA PRO A 349 13.89 9.85 -28.66
C PRO A 349 14.99 9.69 -27.61
N LYS A 350 15.38 10.77 -26.93
CA LYS A 350 16.41 10.72 -25.90
C LYS A 350 16.04 9.76 -24.76
N ILE A 351 14.77 9.74 -24.36
CA ILE A 351 14.33 8.84 -23.30
C ILE A 351 14.42 7.40 -23.77
N GLN A 352 14.01 7.11 -25.02
CA GLN A 352 14.12 5.76 -25.58
C GLN A 352 15.57 5.30 -25.62
N GLN A 353 16.49 6.20 -26.01
CA GLN A 353 17.91 5.92 -26.10
C GLN A 353 18.53 5.66 -24.72
N LEU A 354 18.17 6.48 -23.72
CA LEU A 354 18.64 6.31 -22.36
C LEU A 354 18.24 4.95 -21.77
N ILE A 355 16.99 4.51 -22.00
CA ILE A 355 16.50 3.22 -21.52
C ILE A 355 17.20 2.06 -22.22
N LYS A 356 17.37 2.15 -23.53
CA LYS A 356 18.04 1.13 -24.31
C LYS A 356 19.48 0.98 -23.86
N ASP A 357 20.19 2.11 -23.66
CA ASP A 357 21.58 2.11 -23.20
C ASP A 357 21.66 1.51 -21.82
N PHE A 358 20.72 1.88 -20.91
CA PHE A 358 20.68 1.31 -19.57
C PHE A 358 20.56 -0.22 -19.61
N PHE A 359 19.67 -0.73 -20.46
CA PHE A 359 19.48 -2.18 -20.60
C PHE A 359 20.43 -2.82 -21.63
N ASN A 360 21.60 -2.23 -21.83
CA ASN A 360 22.63 -2.78 -22.66
C ASN A 360 22.23 -3.13 -24.09
N GLY A 361 21.50 -2.22 -24.71
CA GLY A 361 21.13 -2.38 -26.10
C GLY A 361 19.84 -3.12 -26.35
N LYS A 362 19.16 -3.58 -25.29
CA LYS A 362 17.89 -4.27 -25.45
C LYS A 362 16.86 -3.28 -25.92
N GLU A 363 16.15 -3.63 -27.01
CA GLU A 363 15.12 -2.79 -27.58
C GLU A 363 13.88 -2.85 -26.71
N PRO A 364 13.34 -1.69 -26.32
CA PRO A 364 12.07 -1.73 -25.56
C PRO A 364 10.87 -2.03 -26.45
N CSX A 365 9.79 -2.57 -25.86
CA CSX A 365 8.54 -2.86 -26.55
CA CSX A 365 8.54 -2.85 -26.54
CB CSX A 365 7.76 -4.02 -25.89
CB CSX A 365 7.62 -3.81 -25.74
SG CSX A 365 8.56 -5.61 -26.26
SG CSX A 365 8.21 -5.44 -25.33
C CSX A 365 7.79 -1.52 -26.65
O CSX A 365 7.37 -0.94 -25.64
OD CSX A 365 8.11 -6.38 -27.43
OD CSX A 365 7.14 -6.36 -25.50
N LYS A 366 7.65 -1.01 -27.89
CA LYS A 366 6.96 0.26 -28.14
C LYS A 366 6.08 0.21 -29.39
N ALA A 367 5.71 -0.98 -29.88
CA ALA A 367 4.86 -1.10 -31.07
C ALA A 367 3.49 -0.47 -30.87
N ILE A 368 2.93 -0.54 -29.65
CA ILE A 368 1.65 0.07 -29.36
C ILE A 368 1.91 1.54 -28.97
N ASN A 369 1.18 2.52 -29.54
CA ASN A 369 1.26 3.95 -29.18
C ASN A 369 1.25 4.05 -27.65
N PRO A 370 2.34 4.57 -27.05
CA PRO A 370 2.50 4.42 -25.58
C PRO A 370 1.41 5.02 -24.73
N ASP A 371 0.80 6.07 -25.20
CA ASP A 371 -0.31 6.71 -24.50
C ASP A 371 -1.65 5.95 -24.70
N GLU A 372 -1.64 4.80 -25.44
CA GLU A 372 -2.80 3.95 -25.67
C GLU A 372 -2.63 2.53 -25.09
N ALA A 373 -1.41 2.13 -24.71
CA ALA A 373 -1.16 0.77 -24.26
C ALA A 373 -2.00 0.35 -23.05
N VAL A 374 -2.22 1.26 -22.09
CA VAL A 374 -3.03 0.93 -20.92
C VAL A 374 -4.49 0.71 -21.27
N ALA A 375 -5.10 1.57 -22.10
CA ALA A 375 -6.47 1.38 -22.54
C ALA A 375 -6.60 0.12 -23.36
N TYR A 376 -5.59 -0.21 -24.19
CA TYR A 376 -5.57 -1.36 -25.05
C TYR A 376 -5.65 -2.62 -24.19
N GLY A 377 -4.83 -2.69 -23.13
CA GLY A 377 -4.82 -3.83 -22.22
C GLY A 377 -6.09 -3.92 -21.42
N ALA A 378 -6.65 -2.79 -20.99
CA ALA A 378 -7.92 -2.75 -20.25
C ALA A 378 -9.03 -3.25 -21.14
N ALA A 379 -9.00 -2.93 -22.46
CA ALA A 379 -10.00 -3.38 -23.43
C ALA A 379 -9.95 -4.88 -23.60
N VAL A 380 -8.73 -5.46 -23.59
CA VAL A 380 -8.55 -6.91 -23.72
C VAL A 380 -9.16 -7.58 -22.48
N GLN A 381 -8.83 -7.04 -21.29
CA GLN A 381 -9.35 -7.56 -20.03
C GLN A 381 -10.89 -7.44 -19.98
N ALA A 382 -11.45 -6.33 -20.49
CA ALA A 382 -12.90 -6.16 -20.53
C ALA A 382 -13.59 -7.21 -21.39
N ALA A 383 -12.97 -7.58 -22.53
CA ALA A 383 -13.53 -8.57 -23.43
C ALA A 383 -13.47 -9.96 -22.78
N ILE A 384 -12.34 -10.26 -22.10
CA ILE A 384 -12.18 -11.54 -21.40
C ILE A 384 -13.23 -11.67 -20.31
N LEU A 385 -13.41 -10.62 -19.51
CA LEU A 385 -14.41 -10.62 -18.43
C LEU A 385 -15.86 -10.62 -18.95
N SER A 386 -16.07 -10.30 -20.22
CA SER A 386 -17.38 -10.37 -20.85
C SER A 386 -17.66 -11.75 -21.51
N GLY A 387 -16.73 -12.70 -21.41
CA GLY A 387 -16.89 -14.04 -21.99
C GLY A 387 -16.35 -14.21 -23.39
N ASP A 388 -15.58 -13.24 -23.90
CA ASP A 388 -15.00 -13.32 -25.24
C ASP A 388 -13.55 -13.82 -25.15
N GLN A 389 -13.29 -15.07 -25.56
CA GLN A 389 -11.94 -15.63 -25.49
C GLN A 389 -11.15 -15.51 -26.81
N SER A 390 -11.55 -14.60 -27.73
CA SER A 390 -10.89 -14.42 -29.05
C SER A 390 -9.52 -13.75 -29.01
N SER A 391 -9.25 -12.89 -28.01
CA SER A 391 -7.95 -12.22 -27.90
C SER A 391 -6.81 -13.20 -27.56
N ALA A 392 -7.15 -14.31 -26.87
CA ALA A 392 -6.24 -15.38 -26.44
C ALA A 392 -6.36 -16.62 -27.35
N GLU B 7 -21.81 -6.89 2.73
CA GLU B 7 -21.00 -7.35 1.59
C GLU B 7 -19.52 -7.28 1.93
N VAL B 8 -19.09 -6.23 2.64
CA VAL B 8 -17.69 -6.11 3.03
C VAL B 8 -17.41 -6.99 4.22
N ALA B 9 -16.40 -7.84 4.08
CA ALA B 9 -15.92 -8.72 5.12
C ALA B 9 -14.49 -8.28 5.49
N ILE B 10 -14.10 -8.46 6.77
CA ILE B 10 -12.77 -8.09 7.24
C ILE B 10 -11.97 -9.31 7.73
N GLY B 11 -10.67 -9.17 7.77
CA GLY B 11 -9.80 -10.20 8.30
C GLY B 11 -9.17 -9.64 9.54
N ILE B 12 -9.18 -10.41 10.63
CA ILE B 12 -8.63 -9.95 11.89
C ILE B 12 -7.61 -10.91 12.42
N ASP B 13 -6.40 -10.40 12.70
CA ASP B 13 -5.38 -11.13 13.42
C ASP B 13 -5.62 -10.75 14.88
N LEU B 14 -6.20 -11.69 15.69
CA LEU B 14 -6.42 -11.47 17.11
C LEU B 14 -5.16 -11.98 17.79
N GLY B 15 -4.16 -11.10 17.90
CA GLY B 15 -2.84 -11.45 18.44
C GLY B 15 -2.73 -11.51 19.94
N THR B 16 -1.67 -12.17 20.43
CA THR B 16 -1.43 -12.28 21.87
C THR B 16 -1.16 -10.88 22.46
N THR B 17 -0.34 -10.07 21.76
CA THR B 17 0.06 -8.74 22.20
C THR B 17 -0.52 -7.63 21.32
N TYR B 18 -0.57 -7.83 19.97
CA TYR B 18 -1.15 -6.84 19.06
C TYR B 18 -2.11 -7.49 18.12
N SER B 19 -3.18 -6.80 17.78
CA SER B 19 -4.18 -7.24 16.83
C SER B 19 -4.13 -6.33 15.59
N CYS B 20 -4.63 -6.83 14.47
CA CYS B 20 -4.55 -6.11 13.20
C CYS B 20 -5.79 -6.43 12.37
N VAL B 21 -6.32 -5.44 11.65
CA VAL B 21 -7.51 -5.64 10.82
C VAL B 21 -7.23 -5.21 9.38
N GLY B 22 -7.69 -6.01 8.43
CA GLY B 22 -7.53 -5.68 7.03
C GLY B 22 -8.79 -5.91 6.23
N ILE B 23 -8.85 -5.33 5.02
CA ILE B 23 -9.92 -5.57 4.05
C ILE B 23 -9.28 -5.85 2.69
N CYS B 24 -9.84 -6.81 1.94
CA CYS B 24 -9.39 -7.13 0.60
C CYS B 24 -10.52 -6.73 -0.32
N ARG B 25 -10.20 -5.97 -1.35
CA ARG B 25 -11.21 -5.41 -2.23
C ARG B 25 -10.54 -4.89 -3.47
N ASN B 26 -11.13 -5.12 -4.63
CA ASN B 26 -10.54 -4.66 -5.89
C ASN B 26 -9.11 -5.24 -6.11
N GLY B 27 -8.92 -6.47 -5.60
CA GLY B 27 -7.71 -7.24 -5.74
C GLY B 27 -6.56 -6.82 -4.85
N VAL B 28 -6.81 -5.85 -3.91
CA VAL B 28 -5.76 -5.34 -3.04
C VAL B 28 -6.20 -5.36 -1.59
N VAL B 29 -5.24 -5.44 -0.67
CA VAL B 29 -5.51 -5.47 0.76
C VAL B 29 -5.08 -4.19 1.43
N ASP B 30 -6.00 -3.54 2.14
CA ASP B 30 -5.68 -2.41 2.97
C ASP B 30 -5.67 -2.84 4.46
N ILE B 31 -4.53 -2.64 5.14
CA ILE B 31 -4.46 -2.82 6.57
C ILE B 31 -4.93 -1.46 7.17
N ILE B 32 -5.96 -1.51 8.01
CA ILE B 32 -6.59 -0.30 8.50
C ILE B 32 -5.96 0.26 9.80
N ALA B 33 -5.57 1.54 9.75
CA ALA B 33 -4.99 2.26 10.88
C ALA B 33 -6.11 2.60 11.89
N ASN B 34 -5.80 2.57 13.19
CA ASN B 34 -6.75 2.89 14.27
C ASN B 34 -6.80 4.44 14.49
N ASP B 35 -7.48 4.92 15.59
CA ASP B 35 -7.62 6.35 15.97
CA ASP B 35 -7.65 6.36 15.86
C ASP B 35 -6.31 7.08 16.12
N GLN B 36 -5.26 6.39 16.58
CA GLN B 36 -3.94 6.99 16.79
C GLN B 36 -3.03 6.89 15.55
N GLY B 37 -3.57 6.39 14.41
CA GLY B 37 -2.82 6.17 13.19
C GLY B 37 -1.96 4.92 13.24
N ASN B 38 -2.20 4.00 14.21
CA ASN B 38 -1.42 2.76 14.32
C ASN B 38 -2.06 1.62 13.52
N ARG B 39 -1.26 0.92 12.71
CA ARG B 39 -1.70 -0.18 11.85
C ARG B 39 -1.92 -1.50 12.59
N THR B 40 -1.49 -1.57 13.86
CA THR B 40 -1.72 -2.66 14.82
C THR B 40 -2.19 -2.01 16.15
N THR B 41 -2.98 -2.74 16.93
CA THR B 41 -3.58 -2.26 18.16
C THR B 41 -3.27 -3.25 19.27
N PRO B 42 -2.72 -2.77 20.41
CA PRO B 42 -2.48 -3.70 21.53
C PRO B 42 -3.76 -4.47 21.96
N SER B 43 -3.61 -5.78 22.23
CA SER B 43 -4.70 -6.64 22.67
C SER B 43 -4.81 -6.47 24.21
N TYR B 44 -5.11 -5.22 24.62
CA TYR B 44 -5.20 -4.77 26.00
C TYR B 44 -6.56 -4.20 26.26
N VAL B 45 -7.11 -4.51 27.43
CA VAL B 45 -8.35 -3.97 27.93
C VAL B 45 -8.12 -3.48 29.38
N ALA B 46 -8.43 -2.22 29.69
CA ALA B 46 -8.22 -1.70 31.04
C ALA B 46 -9.51 -1.14 31.60
N PHE B 47 -9.64 -1.21 32.92
CA PHE B 47 -10.82 -0.74 33.64
C PHE B 47 -10.36 0.29 34.66
N THR B 48 -10.95 1.50 34.66
CA THR B 48 -10.59 2.58 35.58
C THR B 48 -11.82 2.95 36.45
N ASP B 49 -11.72 4.00 37.28
CA ASP B 49 -12.84 4.48 38.07
C ASP B 49 -13.94 5.04 37.14
N THR B 50 -13.59 5.49 35.92
CA THR B 50 -14.57 6.12 35.03
C THR B 50 -14.84 5.41 33.72
N GLU B 51 -13.84 4.70 33.15
CA GLU B 51 -14.02 4.14 31.82
C GLU B 51 -13.37 2.77 31.55
N ARG B 52 -13.77 2.17 30.42
CA ARG B 52 -13.21 0.93 29.93
C ARG B 52 -12.40 1.31 28.68
N LEU B 53 -11.09 1.10 28.73
CA LEU B 53 -10.16 1.46 27.67
C LEU B 53 -9.73 0.23 26.87
N ILE B 54 -9.60 0.35 25.55
CA ILE B 54 -9.18 -0.77 24.71
C ILE B 54 -8.09 -0.32 23.75
N GLY B 55 -7.06 -1.11 23.59
CA GLY B 55 -5.99 -0.83 22.66
C GLY B 55 -4.90 0.04 23.22
N ASP B 56 -4.48 1.03 22.42
CA ASP B 56 -3.43 1.98 22.79
C ASP B 56 -3.71 2.67 24.14
N ALA B 57 -4.94 3.14 24.37
CA ALA B 57 -5.26 3.82 25.62
C ALA B 57 -5.10 2.89 26.82
N ALA B 58 -5.40 1.59 26.66
CA ALA B 58 -5.24 0.62 27.75
C ALA B 58 -3.76 0.31 27.97
N LYS B 59 -2.98 0.07 26.89
CA LYS B 59 -1.55 -0.20 27.06
C LYS B 59 -0.83 1.03 27.66
N ASN B 60 -1.21 2.26 27.26
CA ASN B 60 -0.56 3.48 27.72
C ASN B 60 -0.70 3.74 29.23
N GLN B 61 -1.80 3.28 29.86
CA GLN B 61 -1.91 3.45 31.31
C GLN B 61 -1.61 2.16 32.10
N ALA B 62 -1.06 1.13 31.47
CA ALA B 62 -0.80 -0.15 32.13
C ALA B 62 0.07 -0.04 33.36
N SER B 63 1.15 0.76 33.29
CA SER B 63 2.07 0.91 34.40
C SER B 63 1.45 1.67 35.60
N ARG B 64 0.46 2.54 35.33
CA ARG B 64 -0.26 3.28 36.37
C ARG B 64 -1.40 2.45 37.00
N ASN B 65 -1.92 1.44 36.28
CA ASN B 65 -3.09 0.67 36.72
C ASN B 65 -2.85 -0.83 36.42
N PRO B 66 -1.76 -1.43 36.96
CA PRO B 66 -1.43 -2.81 36.61
C PRO B 66 -2.48 -3.84 36.97
N GLU B 67 -3.17 -3.67 38.09
CA GLU B 67 -4.15 -4.63 38.58
C GLU B 67 -5.40 -4.75 37.70
N ASN B 68 -5.77 -3.64 37.06
CA ASN B 68 -6.99 -3.56 36.26
C ASN B 68 -6.75 -3.44 34.75
N THR B 69 -5.53 -3.75 34.30
CA THR B 69 -5.18 -3.72 32.90
C THR B 69 -4.97 -5.17 32.49
N VAL B 70 -5.83 -5.68 31.61
CA VAL B 70 -5.81 -7.06 31.15
C VAL B 70 -5.16 -7.17 29.79
N PHE B 71 -4.34 -8.20 29.64
CA PHE B 71 -3.64 -8.55 28.43
C PHE B 71 -3.40 -10.09 28.49
N ASP B 72 -2.87 -10.69 27.41
CA ASP B 72 -2.59 -12.14 27.36
C ASP B 72 -3.84 -12.99 27.50
N ALA B 73 -5.06 -12.44 27.25
CA ALA B 73 -6.28 -13.26 27.30
C ALA B 73 -6.21 -14.44 26.30
N LYS B 74 -5.41 -14.30 25.22
CA LYS B 74 -5.22 -15.37 24.25
C LYS B 74 -4.56 -16.60 24.90
N ARG B 75 -3.78 -16.44 25.96
CA ARG B 75 -3.18 -17.54 26.70
C ARG B 75 -4.20 -18.29 27.56
N LEU B 76 -5.36 -17.69 27.84
CA LEU B 76 -6.41 -18.29 28.65
C LEU B 76 -7.61 -18.75 27.84
N ILE B 77 -7.83 -18.18 26.65
CA ILE B 77 -9.05 -18.46 25.88
C ILE B 77 -9.21 -19.94 25.53
N GLY B 78 -10.38 -20.49 25.87
CA GLY B 78 -10.70 -21.89 25.63
C GLY B 78 -10.04 -22.87 26.56
N ARG B 79 -9.38 -22.37 27.62
CA ARG B 79 -8.70 -23.24 28.57
C ARG B 79 -9.47 -23.39 29.88
N LYS B 80 -9.22 -24.49 30.60
CA LYS B 80 -9.73 -24.71 31.93
C LYS B 80 -8.70 -24.07 32.87
N PHE B 81 -9.17 -23.43 33.92
CA PHE B 81 -8.31 -22.77 34.90
C PHE B 81 -7.29 -23.72 35.51
N SER B 82 -7.64 -25.01 35.67
CA SER B 82 -6.73 -25.97 36.27
C SER B 82 -5.58 -26.41 35.36
N GLU B 83 -5.63 -26.09 34.05
CA GLU B 83 -4.54 -26.46 33.11
C GLU B 83 -3.17 -25.96 33.62
N THR B 84 -2.11 -26.76 33.45
CA THR B 84 -0.78 -26.38 33.91
C THR B 84 -0.27 -25.10 33.22
N THR B 85 -0.68 -24.86 31.98
CA THR B 85 -0.28 -23.63 31.29
C THR B 85 -0.87 -22.41 32.00
N VAL B 86 -2.13 -22.47 32.46
CA VAL B 86 -2.80 -21.37 33.17
C VAL B 86 -2.17 -21.11 34.55
N GLN B 87 -1.90 -22.19 35.29
CA GLN B 87 -1.29 -22.11 36.62
C GLN B 87 0.11 -21.51 36.57
N SER B 88 0.85 -21.82 35.52
CA SER B 88 2.18 -21.31 35.31
C SER B 88 2.16 -19.88 34.77
N ASP B 89 1.35 -19.60 33.74
CA ASP B 89 1.27 -18.28 33.12
C ASP B 89 0.82 -17.20 34.07
N MET B 90 -0.15 -17.51 34.96
CA MET B 90 -0.78 -16.52 35.84
C MET B 90 0.16 -15.85 36.84
N LYS B 91 1.31 -16.45 37.10
CA LYS B 91 2.31 -15.88 37.99
C LYS B 91 2.93 -14.61 37.39
N HIS B 92 2.95 -14.49 36.06
CA HIS B 92 3.51 -13.34 35.38
C HIS B 92 2.53 -12.21 35.13
N TRP B 93 1.27 -12.35 35.58
CA TRP B 93 0.26 -11.31 35.34
C TRP B 93 -0.04 -10.52 36.59
N PRO B 94 -0.10 -9.19 36.47
CA PRO B 94 -0.44 -8.39 37.65
C PRO B 94 -1.94 -8.38 37.97
N PHE B 95 -2.79 -8.84 37.04
CA PHE B 95 -4.23 -8.91 37.26
C PHE B 95 -4.59 -10.27 37.84
N THR B 96 -5.69 -10.33 38.58
CA THR B 96 -6.11 -11.57 39.22
C THR B 96 -6.91 -12.49 38.28
N VAL B 97 -6.62 -13.79 38.32
CA VAL B 97 -7.33 -14.80 37.54
C VAL B 97 -7.69 -15.91 38.51
N LYS B 98 -8.97 -16.26 38.61
CA LYS B 98 -9.46 -17.33 39.48
C LYS B 98 -10.30 -18.31 38.64
N GLY B 99 -10.62 -19.47 39.20
CA GLY B 99 -11.42 -20.46 38.51
C GLY B 99 -12.86 -20.44 38.93
N GLY B 100 -13.76 -20.45 37.96
CA GLY B 100 -15.19 -20.52 38.23
C GLY B 100 -15.61 -21.94 38.56
N SER B 101 -16.86 -22.15 39.00
CA SER B 101 -17.33 -23.50 39.31
C SER B 101 -17.38 -24.40 38.08
N ASP B 102 -17.58 -23.81 36.89
CA ASP B 102 -17.53 -24.50 35.61
C ASP B 102 -16.08 -24.77 35.11
N GLY B 103 -15.07 -24.41 35.91
CA GLY B 103 -13.67 -24.58 35.57
C GLY B 103 -13.11 -23.54 34.61
N LYS B 104 -13.93 -22.54 34.21
CA LYS B 104 -13.46 -21.52 33.29
C LYS B 104 -12.71 -20.43 34.04
N PRO B 105 -11.62 -19.89 33.44
CA PRO B 105 -10.91 -18.79 34.09
C PRO B 105 -11.79 -17.55 34.14
N MET B 106 -11.70 -16.82 35.25
CA MET B 106 -12.42 -15.57 35.50
C MET B 106 -11.35 -14.53 35.79
N ILE B 107 -11.26 -13.51 34.97
CA ILE B 107 -10.33 -12.41 35.16
C ILE B 107 -11.04 -11.40 36.03
N GLU B 108 -10.46 -11.05 37.19
CA GLU B 108 -11.05 -10.12 38.14
C GLU B 108 -10.39 -8.76 38.12
N VAL B 109 -11.19 -7.73 37.94
CA VAL B 109 -10.74 -6.34 37.93
C VAL B 109 -11.69 -5.48 38.77
N SER B 110 -11.32 -4.23 39.03
CA SER B 110 -12.17 -3.23 39.65
C SER B 110 -12.51 -2.22 38.54
N TYR B 111 -13.81 -1.97 38.34
CA TYR B 111 -14.31 -1.05 37.32
C TYR B 111 -15.36 -0.17 37.96
N GLN B 112 -15.11 1.15 38.01
CA GLN B 112 -16.01 2.11 38.64
C GLN B 112 -16.28 1.77 40.11
N GLY B 113 -15.21 1.39 40.82
CA GLY B 113 -15.29 1.06 42.24
C GLY B 113 -15.98 -0.25 42.57
N GLU B 114 -16.18 -1.11 41.57
CA GLU B 114 -16.85 -2.40 41.78
C GLU B 114 -16.01 -3.57 41.27
N LYS B 115 -16.08 -4.71 41.96
CA LYS B 115 -15.39 -5.92 41.51
C LYS B 115 -16.16 -6.55 40.32
N LYS B 116 -15.49 -6.76 39.20
CA LYS B 116 -16.07 -7.34 37.99
C LYS B 116 -15.24 -8.54 37.55
N THR B 117 -15.89 -9.59 37.03
CA THR B 117 -15.21 -10.78 36.52
C THR B 117 -15.54 -11.01 35.06
N PHE B 118 -14.57 -11.48 34.27
CA PHE B 118 -14.78 -11.70 32.84
C PHE B 118 -14.14 -12.99 32.39
N HIS B 119 -14.77 -13.66 31.43
CA HIS B 119 -14.18 -14.85 30.83
C HIS B 119 -13.17 -14.38 29.80
N PRO B 120 -12.17 -15.20 29.46
CA PRO B 120 -11.17 -14.78 28.46
C PRO B 120 -11.80 -14.35 27.12
N GLU B 121 -12.86 -15.06 26.67
CA GLU B 121 -13.55 -14.71 25.43
C GLU B 121 -14.28 -13.36 25.51
N GLU B 122 -14.63 -12.91 26.72
CA GLU B 122 -15.23 -11.59 26.90
C GLU B 122 -14.18 -10.51 26.73
N ILE B 123 -12.97 -10.72 27.26
CA ILE B 123 -11.88 -9.77 27.06
C ILE B 123 -11.51 -9.73 25.56
N SER B 124 -11.40 -10.90 24.93
CA SER B 124 -11.06 -10.96 23.51
C SER B 124 -12.16 -10.35 22.64
N SER B 125 -13.44 -10.48 23.06
CA SER B 125 -14.56 -9.87 22.34
C SER B 125 -14.41 -8.35 22.33
N MET B 126 -13.87 -7.75 23.41
CA MET B 126 -13.65 -6.31 23.49
C MET B 126 -12.58 -5.86 22.51
N VAL B 127 -11.52 -6.66 22.37
CA VAL B 127 -10.45 -6.34 21.41
C VAL B 127 -11.02 -6.46 19.96
N LEU B 128 -11.80 -7.53 19.71
CA LEU B 128 -12.42 -7.77 18.41
C LEU B 128 -13.39 -6.66 18.07
N LYS B 129 -14.13 -6.16 19.05
CA LYS B 129 -15.09 -5.08 18.88
C LYS B 129 -14.35 -3.79 18.51
N LYS B 130 -13.19 -3.54 19.12
CA LYS B 130 -12.37 -2.38 18.79
C LYS B 130 -11.89 -2.50 17.34
N MET B 131 -11.41 -3.67 16.90
CA MET B 131 -10.94 -3.89 15.53
C MET B 131 -12.06 -3.73 14.52
N LYS B 132 -13.27 -4.18 14.88
CA LYS B 132 -14.46 -4.05 14.05
C LYS B 132 -14.76 -2.55 13.86
N GLU B 133 -14.68 -1.76 14.95
CA GLU B 133 -14.91 -0.32 14.94
C GLU B 133 -13.83 0.42 14.16
N VAL B 134 -12.57 -0.03 14.21
CA VAL B 134 -11.50 0.56 13.44
C VAL B 134 -11.84 0.43 11.94
N ALA B 135 -12.32 -0.74 11.50
CA ALA B 135 -12.70 -0.94 10.11
C ALA B 135 -13.92 -0.11 9.77
N GLU B 136 -14.92 -0.05 10.67
CA GLU B 136 -16.16 0.72 10.44
C GLU B 136 -15.94 2.21 10.30
N THR B 137 -15.00 2.77 11.05
CA THR B 137 -14.65 4.19 10.96
C THR B 137 -14.07 4.47 9.57
N TYR B 138 -13.19 3.59 9.10
CA TYR B 138 -12.58 3.70 7.79
C TYR B 138 -13.63 3.54 6.66
N LEU B 139 -14.50 2.53 6.77
CA LEU B 139 -15.49 2.26 5.73
C LEU B 139 -16.68 3.21 5.76
N GLY B 140 -16.97 3.79 6.92
CA GLY B 140 -18.13 4.65 7.12
C GLY B 140 -19.44 3.88 7.03
N LYS B 141 -19.38 2.54 7.19
CA LYS B 141 -20.51 1.62 7.10
C LYS B 141 -20.29 0.50 8.14
N PRO B 142 -21.36 -0.14 8.62
CA PRO B 142 -21.19 -1.26 9.55
C PRO B 142 -20.56 -2.48 8.85
N VAL B 143 -19.79 -3.28 9.61
CA VAL B 143 -19.10 -4.49 9.19
C VAL B 143 -19.67 -5.63 10.00
N LYS B 144 -20.11 -6.70 9.37
CA LYS B 144 -20.70 -7.83 10.08
C LYS B 144 -19.89 -9.10 9.92
N ASN B 145 -19.33 -9.34 8.74
CA ASN B 145 -18.61 -10.59 8.46
C ASN B 145 -17.12 -10.47 8.67
N ALA B 146 -16.51 -11.55 9.15
CA ALA B 146 -15.09 -11.57 9.44
C ALA B 146 -14.48 -12.95 9.41
N VAL B 147 -13.20 -13.01 9.11
CA VAL B 147 -12.38 -14.21 9.25
C VAL B 147 -11.41 -13.84 10.37
N ILE B 148 -11.34 -14.69 11.40
CA ILE B 148 -10.43 -14.50 12.53
C ILE B 148 -9.41 -15.63 12.53
N THR B 149 -8.16 -15.31 12.79
CA THR B 149 -7.09 -16.28 12.81
C THR B 149 -6.77 -16.75 14.23
N VAL B 150 -6.23 -17.96 14.34
CA VAL B 150 -5.79 -18.60 15.59
C VAL B 150 -4.50 -19.38 15.28
N PRO B 151 -3.66 -19.63 16.29
CA PRO B 151 -2.46 -20.46 16.06
C PRO B 151 -2.86 -21.86 15.59
N ALA B 152 -2.02 -22.47 14.75
CA ALA B 152 -2.28 -23.81 14.22
C ALA B 152 -2.50 -24.86 15.31
N TYR B 153 -1.82 -24.72 16.47
CA TYR B 153 -1.95 -25.68 17.56
C TYR B 153 -3.21 -25.50 18.42
N PHE B 154 -4.02 -24.45 18.17
CA PHE B 154 -5.24 -24.24 18.93
C PHE B 154 -6.19 -25.44 18.78
N ASN B 155 -6.71 -25.94 19.90
CA ASN B 155 -7.61 -27.08 19.87
C ASN B 155 -9.05 -26.61 19.61
N ASP B 156 -10.00 -27.53 19.56
CA ASP B 156 -11.40 -27.22 19.32
C ASP B 156 -11.96 -26.23 20.34
N SER B 157 -11.60 -26.39 21.64
CA SER B 157 -12.10 -25.50 22.67
C SER B 157 -11.58 -24.07 22.49
N GLN B 158 -10.30 -23.92 22.12
CA GLN B 158 -9.68 -22.61 21.89
C GLN B 158 -10.28 -21.94 20.64
N ARG B 159 -10.53 -22.72 19.58
CA ARG B 159 -11.14 -22.21 18.36
C ARG B 159 -12.59 -21.77 18.61
N GLN B 160 -13.36 -22.60 19.32
CA GLN B 160 -14.74 -22.31 19.63
C GLN B 160 -14.88 -21.06 20.48
N ALA B 161 -14.00 -20.90 21.48
CA ALA B 161 -14.03 -19.74 22.35
C ALA B 161 -13.64 -18.46 21.56
N THR B 162 -12.72 -18.58 20.59
CA THR B 162 -12.35 -17.44 19.74
C THR B 162 -13.54 -17.06 18.83
N LYS B 163 -14.28 -18.06 18.31
CA LYS B 163 -15.47 -17.85 17.48
C LYS B 163 -16.54 -17.15 18.34
N ASP B 164 -16.73 -17.59 19.60
CA ASP B 164 -17.66 -17.01 20.57
C ASP B 164 -17.28 -15.56 20.87
N ALA B 165 -15.97 -15.26 21.02
CA ALA B 165 -15.50 -13.88 21.23
C ALA B 165 -15.96 -12.98 20.04
N GLY B 166 -15.91 -13.52 18.82
CA GLY B 166 -16.36 -12.84 17.60
C GLY B 166 -17.86 -12.61 17.64
N ALA B 167 -18.64 -13.63 18.01
CA ALA B 167 -20.09 -13.50 18.10
C ALA B 167 -20.48 -12.46 19.16
N ILE B 168 -19.77 -12.43 20.32
CA ILE B 168 -20.04 -11.45 21.36
C ILE B 168 -19.74 -10.04 20.83
N ALA B 169 -18.68 -9.89 20.01
CA ALA B 169 -18.31 -8.61 19.42
C ALA B 169 -19.27 -8.12 18.32
N GLY B 170 -20.27 -8.94 17.94
CA GLY B 170 -21.24 -8.60 16.91
C GLY B 170 -20.83 -9.03 15.50
N LEU B 171 -19.83 -9.92 15.40
CA LEU B 171 -19.34 -10.37 14.12
C LEU B 171 -19.92 -11.72 13.78
N ASN B 172 -20.19 -11.93 12.49
CA ASN B 172 -20.58 -13.20 11.91
C ASN B 172 -19.24 -13.77 11.46
N VAL B 173 -18.72 -14.75 12.20
CA VAL B 173 -17.43 -15.33 11.89
C VAL B 173 -17.58 -16.32 10.77
N LEU B 174 -17.16 -15.92 9.54
CA LEU B 174 -17.24 -16.80 8.38
C LEU B 174 -16.40 -18.02 8.57
N ARG B 175 -15.23 -17.88 9.20
CA ARG B 175 -14.33 -18.99 9.43
C ARG B 175 -13.21 -18.58 10.36
N ILE B 176 -12.72 -19.56 11.12
CA ILE B 176 -11.54 -19.46 11.96
C ILE B 176 -10.43 -20.13 11.15
N ILE B 177 -9.34 -19.44 10.84
CA ILE B 177 -8.26 -20.07 10.05
C ILE B 177 -6.94 -20.01 10.80
N ASN B 178 -5.98 -20.85 10.44
CA ASN B 178 -4.67 -20.90 11.06
C ASN B 178 -3.81 -19.69 10.67
N GLU B 179 -3.06 -19.15 11.64
CA GLU B 179 -2.17 -18.05 11.43
C GLU B 179 -1.12 -18.31 10.33
N PRO B 180 -0.41 -19.46 10.36
CA PRO B 180 0.59 -19.72 9.32
C PRO B 180 -0.03 -19.82 7.93
N THR B 181 -1.21 -20.42 7.83
CA THR B 181 -1.93 -20.54 6.57
C THR B 181 -2.33 -19.16 6.08
N ALA B 182 -2.80 -18.28 6.99
CA ALA B 182 -3.15 -16.89 6.63
C ALA B 182 -1.93 -16.15 6.03
N ALA B 183 -0.75 -16.35 6.61
CA ALA B 183 0.47 -15.72 6.13
C ALA B 183 0.83 -16.24 4.73
N ALA B 184 0.62 -17.53 4.47
CA ALA B 184 0.90 -18.13 3.16
C ALA B 184 -0.07 -17.58 2.11
N ILE B 185 -1.35 -17.45 2.49
CA ILE B 185 -2.40 -16.88 1.65
C ILE B 185 -2.08 -15.42 1.29
N ALA B 186 -1.54 -14.65 2.23
CA ALA B 186 -1.16 -13.26 2.01
C ALA B 186 -0.16 -13.13 0.88
N TYR B 187 0.78 -14.09 0.78
CA TYR B 187 1.79 -14.05 -0.26
C TYR B 187 1.37 -14.69 -1.58
N GLY B 188 0.13 -15.16 -1.69
CA GLY B 188 -0.40 -15.78 -2.88
C GLY B 188 0.31 -17.08 -3.23
N LEU B 189 0.88 -17.76 -2.22
CA LEU B 189 1.62 -19.00 -2.42
C LEU B 189 0.74 -20.17 -2.88
N ASP B 190 -0.59 -20.04 -2.71
CA ASP B 190 -1.56 -21.01 -3.22
C ASP B 190 -1.76 -20.83 -4.74
N LYS B 191 -1.67 -19.59 -5.24
CA LYS B 191 -1.88 -19.32 -6.66
C LYS B 191 -0.55 -19.34 -7.45
N LYS B 192 0.38 -20.24 -7.12
CA LYS B 192 1.66 -20.33 -7.84
C LYS B 192 1.94 -21.75 -8.40
N GLY B 193 3.07 -21.92 -9.11
CA GLY B 193 3.44 -23.22 -9.66
C GLY B 193 3.70 -24.25 -8.57
N GLY B 195 4.39 -28.19 -8.51
CA GLY B 195 3.00 -28.26 -8.08
C GLY B 195 2.86 -28.17 -6.58
N GLU B 196 3.39 -29.16 -5.88
CA GLU B 196 3.35 -29.21 -4.40
C GLU B 196 4.42 -28.27 -3.85
N GLN B 197 4.10 -27.52 -2.81
CA GLN B 197 5.05 -26.57 -2.24
C GLN B 197 5.21 -26.76 -0.75
N ASN B 198 6.44 -26.72 -0.26
CA ASN B 198 6.78 -26.81 1.13
C ASN B 198 7.09 -25.39 1.59
N ILE B 199 6.25 -24.82 2.46
CA ILE B 199 6.37 -23.45 2.96
C ILE B 199 6.72 -23.46 4.44
N LEU B 200 7.78 -22.73 4.84
CA LEU B 200 8.09 -22.59 6.25
C LEU B 200 7.67 -21.19 6.72
N ILE B 201 6.79 -21.12 7.74
CA ILE B 201 6.36 -19.85 8.32
C ILE B 201 7.16 -19.65 9.60
N PHE B 202 7.92 -18.57 9.68
CA PHE B 202 8.71 -18.24 10.86
C PHE B 202 8.03 -17.03 11.50
N ASP B 203 7.25 -17.26 12.56
CA ASP B 203 6.46 -16.25 13.23
C ASP B 203 7.00 -15.90 14.60
N LEU B 204 7.69 -14.76 14.73
CA LEU B 204 8.24 -14.34 16.02
C LEU B 204 7.60 -13.00 16.41
N GLY B 205 6.64 -13.06 17.34
CA GLY B 205 5.88 -11.90 17.78
C GLY B 205 6.41 -11.26 19.06
N GLY B 206 5.47 -10.82 19.90
CA GLY B 206 5.78 -10.14 21.14
C GLY B 206 5.94 -11.10 22.29
N GLY B 207 5.11 -12.14 22.32
CA GLY B 207 5.19 -13.11 23.41
C GLY B 207 5.45 -14.55 23.03
N THR B 208 5.21 -14.90 21.75
CA THR B 208 5.36 -16.28 21.27
C THR B 208 6.16 -16.40 19.96
N PHE B 209 6.71 -17.59 19.75
CA PHE B 209 7.45 -17.97 18.57
C PHE B 209 6.82 -19.25 18.02
N ASP B 210 6.37 -19.21 16.77
CA ASP B 210 5.73 -20.33 16.11
C ASP B 210 6.37 -20.58 14.76
N VAL B 211 6.80 -21.83 14.52
CA VAL B 211 7.34 -22.25 13.23
C VAL B 211 6.40 -23.31 12.71
N SER B 212 5.96 -23.16 11.47
CA SER B 212 5.02 -24.10 10.85
C SER B 212 5.49 -24.48 9.47
N LEU B 213 5.44 -25.78 9.17
CA LEU B 213 5.78 -26.29 7.85
C LEU B 213 4.48 -26.74 7.16
N LEU B 214 4.14 -26.08 6.06
CA LEU B 214 2.91 -26.34 5.33
C LEU B 214 3.23 -26.95 3.98
N THR B 215 2.26 -27.68 3.44
CA THR B 215 2.31 -28.27 2.12
C THR B 215 1.06 -27.86 1.37
N LEU B 216 1.18 -27.68 0.06
CA LEU B 216 0.06 -27.29 -0.79
C LEU B 216 -0.48 -28.49 -1.60
N GLU B 217 -1.39 -29.33 -1.02
CA GLU B 217 -1.95 -30.44 -1.82
C GLU B 217 -3.27 -30.04 -2.53
N ASP B 218 -3.19 -29.84 -3.88
CA ASP B 218 -4.28 -29.39 -4.75
C ASP B 218 -4.87 -28.02 -4.35
N GLY B 219 -4.01 -27.00 -4.24
CA GLY B 219 -4.43 -25.66 -3.88
C GLY B 219 -4.85 -25.45 -2.43
N ILE B 220 -4.85 -26.53 -1.65
CA ILE B 220 -5.25 -26.49 -0.25
C ILE B 220 -4.00 -26.62 0.59
N PHE B 221 -3.91 -25.82 1.65
CA PHE B 221 -2.78 -25.89 2.56
C PHE B 221 -3.04 -26.94 3.62
N GLU B 222 -2.01 -27.69 3.98
CA GLU B 222 -2.05 -28.68 5.06
C GLU B 222 -0.89 -28.37 6.01
N VAL B 223 -1.14 -28.38 7.32
CA VAL B 223 -0.11 -28.13 8.32
C VAL B 223 0.57 -29.45 8.62
N LYS B 224 1.79 -29.64 8.13
CA LYS B 224 2.51 -30.91 8.29
C LYS B 224 3.21 -31.04 9.63
N ALA B 225 3.78 -29.95 10.14
CA ALA B 225 4.47 -29.94 11.42
C ALA B 225 4.53 -28.52 11.98
N THR B 226 4.49 -28.41 13.31
CA THR B 226 4.60 -27.13 14.01
C THR B 226 5.51 -27.27 15.22
N SER B 227 6.15 -26.20 15.62
CA SER B 227 7.00 -26.17 16.80
C SER B 227 7.20 -24.68 17.17
N GLY B 228 8.00 -24.43 18.18
CA GLY B 228 8.26 -23.07 18.61
C GLY B 228 8.47 -23.00 20.09
N ASP B 229 8.10 -21.88 20.67
CA ASP B 229 8.25 -21.63 22.09
C ASP B 229 7.20 -20.60 22.45
N THR B 230 6.23 -21.01 23.28
CA THR B 230 5.14 -20.16 23.73
C THR B 230 5.61 -19.01 24.63
N HIS B 231 6.90 -18.99 25.04
CA HIS B 231 7.43 -17.94 25.89
C HIS B 231 8.76 -17.38 25.37
N LEU B 232 8.83 -17.12 24.05
CA LEU B 232 9.96 -16.48 23.39
C LEU B 232 9.39 -15.50 22.38
N GLY B 233 9.67 -14.24 22.58
CA GLY B 233 9.24 -13.17 21.70
C GLY B 233 9.98 -11.88 21.98
N GLY B 234 9.52 -10.79 21.38
CA GLY B 234 10.12 -9.48 21.54
C GLY B 234 10.26 -9.03 22.97
N GLU B 235 9.30 -9.37 23.84
CA GLU B 235 9.37 -8.96 25.24
C GLU B 235 10.60 -9.55 25.96
N ASP B 236 11.07 -10.73 25.52
CA ASP B 236 12.28 -11.35 26.06
C ASP B 236 13.56 -10.61 25.63
N PHE B 237 13.56 -10.01 24.44
CA PHE B 237 14.69 -9.21 23.94
C PHE B 237 14.70 -7.87 24.68
N ASP B 238 13.50 -7.30 24.99
CA ASP B 238 13.38 -6.09 25.78
C ASP B 238 13.96 -6.33 27.16
N ASN B 239 13.68 -7.50 27.77
CA ASN B 239 14.18 -7.90 29.10
C ASN B 239 15.69 -7.99 29.11
N LYS B 240 16.33 -8.39 28.02
CA LYS B 240 17.78 -8.43 27.94
C LYS B 240 18.35 -7.02 28.04
N LEU B 241 17.67 -6.03 27.42
CA LEU B 241 18.09 -4.65 27.49
C LEU B 241 17.83 -4.11 28.90
N VAL B 242 16.68 -4.46 29.52
CA VAL B 242 16.33 -4.08 30.89
C VAL B 242 17.41 -4.56 31.85
N ASN B 243 17.72 -5.89 31.87
CA ASN B 243 18.76 -6.47 32.74
C ASN B 243 20.10 -5.79 32.54
N PHE B 244 20.49 -5.46 31.30
CA PHE B 244 21.74 -4.75 31.03
C PHE B 244 21.72 -3.35 31.65
N CYS B 245 20.63 -2.60 31.45
CA CYS B 245 20.49 -1.23 31.97
C CYS B 245 20.51 -1.21 33.48
N VAL B 246 19.89 -2.21 34.13
CA VAL B 246 19.85 -2.34 35.59
C VAL B 246 21.28 -2.47 36.13
N GLN B 247 22.10 -3.29 35.45
CA GLN B 247 23.50 -3.50 35.81
C GLN B 247 24.37 -2.29 35.49
N ASP B 248 24.05 -1.58 34.41
CA ASP B 248 24.76 -0.36 34.01
C ASP B 248 24.48 0.78 35.00
N PHE B 249 23.24 0.86 35.51
CA PHE B 249 22.84 1.85 36.51
C PHE B 249 23.61 1.60 37.79
N LYS B 250 23.78 0.32 38.18
CA LYS B 250 24.55 -0.10 39.36
C LYS B 250 25.98 0.42 39.25
N LYS B 251 26.65 0.20 38.09
CA LYS B 251 28.03 0.66 37.84
C LYS B 251 28.19 2.18 37.81
N LYS B 252 27.10 2.91 37.55
CA LYS B 252 27.14 4.37 37.49
C LYS B 252 26.78 5.03 38.81
N ASN B 253 25.90 4.37 39.60
CA ASN B 253 25.34 4.92 40.82
C ASN B 253 25.53 4.04 42.07
N GLY B 254 26.80 3.76 42.38
CA GLY B 254 27.26 3.04 43.57
C GLY B 254 26.56 1.75 43.96
N LYS B 256 23.09 0.95 43.63
CA LYS B 256 21.64 1.09 43.65
C LYS B 256 20.96 0.11 42.68
N ASP B 257 19.88 -0.54 43.14
CA ASP B 257 19.18 -1.57 42.35
C ASP B 257 17.76 -1.15 41.88
N VAL B 258 17.64 -0.79 40.59
CA VAL B 258 16.37 -0.39 39.96
C VAL B 258 15.31 -1.49 40.03
N SER B 259 15.74 -2.77 40.03
CA SER B 259 14.86 -3.93 40.07
C SER B 259 13.94 -3.99 41.29
N LYS B 260 14.32 -3.29 42.39
CA LYS B 260 13.54 -3.25 43.62
C LYS B 260 12.21 -2.47 43.45
N ASN B 261 12.15 -1.55 42.47
CA ASN B 261 10.97 -0.75 42.18
C ASN B 261 10.35 -1.23 40.86
N SER B 262 9.15 -1.82 40.92
CA SER B 262 8.49 -2.36 39.73
C SER B 262 8.07 -1.28 38.74
N LYS B 263 7.76 -0.06 39.23
CA LYS B 263 7.42 1.04 38.32
C LYS B 263 8.67 1.53 37.60
N SER B 264 9.83 1.54 38.28
CA SER B 264 11.11 1.92 37.63
C SER B 264 11.46 0.92 36.53
N LEU B 265 11.18 -0.38 36.74
CA LEU B 265 11.44 -1.39 35.74
C LEU B 265 10.53 -1.22 34.53
N ARG B 266 9.22 -0.95 34.76
CA ARG B 266 8.23 -0.76 33.70
C ARG B 266 8.60 0.42 32.83
N ARG B 267 9.02 1.55 33.44
CA ARG B 267 9.44 2.74 32.70
C ARG B 267 10.68 2.46 31.87
N LEU B 268 11.61 1.68 32.42
CA LEU B 268 12.84 1.31 31.71
C LEU B 268 12.51 0.37 30.54
N ARG B 269 11.60 -0.58 30.76
CA ARG B 269 11.16 -1.55 29.75
C ARG B 269 10.54 -0.85 28.54
N THR B 270 9.72 0.18 28.77
CA THR B 270 9.10 0.98 27.70
C THR B 270 10.18 1.59 26.81
N GLN B 271 11.21 2.17 27.42
CA GLN B 271 12.29 2.79 26.66
C GLN B 271 13.19 1.78 25.98
N CYS B 272 13.32 0.56 26.55
CA CYS B 272 14.16 -0.48 25.96
C CYS B 272 13.51 -1.04 24.70
N GLU B 273 12.18 -1.22 24.71
CA GLU B 273 11.46 -1.67 23.53
C GLU B 273 11.57 -0.65 22.42
N LYS B 274 11.53 0.67 22.74
CA LYS B 274 11.66 1.70 21.72
C LYS B 274 13.04 1.65 21.09
N ALA B 275 14.11 1.54 21.90
CA ALA B 275 15.49 1.45 21.42
C ALA B 275 15.70 0.22 20.54
N LYS B 276 15.09 -0.92 20.92
CA LYS B 276 15.15 -2.17 20.16
C LYS B 276 14.61 -1.96 18.73
N ARG B 277 13.45 -1.29 18.61
CA ARG B 277 12.84 -1.00 17.32
C ARG B 277 13.75 -0.13 16.45
N VAL B 278 14.36 0.91 17.05
CA VAL B 278 15.27 1.82 16.34
C VAL B 278 16.46 1.04 15.80
N LEU B 279 17.01 0.11 16.61
CA LEU B 279 18.13 -0.75 16.25
C LEU B 279 17.86 -1.67 15.06
N SER B 280 16.59 -1.81 14.64
CA SER B 280 16.26 -2.61 13.45
C SER B 280 16.58 -1.83 12.15
N SER B 281 16.69 -0.49 12.22
CA SER B 281 17.02 0.31 11.05
C SER B 281 18.23 1.25 11.26
N SER B 282 18.72 1.38 12.50
CA SER B 282 19.91 2.20 12.78
C SER B 282 20.99 1.36 13.49
N ALA B 283 22.22 1.84 13.47
CA ALA B 283 23.34 1.14 14.11
C ALA B 283 23.42 1.40 15.62
N GLN B 284 22.75 2.45 16.09
CA GLN B 284 22.77 2.90 17.49
C GLN B 284 21.43 3.45 17.91
N ALA B 285 21.18 3.43 19.22
CA ALA B 285 19.96 3.97 19.82
C ALA B 285 20.24 4.41 21.25
N THR B 286 19.43 5.33 21.76
CA THR B 286 19.59 5.82 23.12
C THR B 286 18.44 5.34 24.02
N ILE B 287 18.77 4.85 25.21
CA ILE B 287 17.78 4.49 26.23
C ILE B 287 17.90 5.59 27.27
N GLU B 288 16.82 6.33 27.51
CA GLU B 288 16.86 7.48 28.42
C GLU B 288 15.60 7.54 29.28
N VAL B 289 15.79 7.59 30.61
CA VAL B 289 14.70 7.68 31.58
C VAL B 289 15.09 8.74 32.60
N ASP B 290 14.39 9.88 32.60
CA ASP B 290 14.66 10.94 33.57
C ASP B 290 14.07 10.53 34.91
N SER B 291 14.84 10.72 36.01
CA SER B 291 14.44 10.35 37.37
C SER B 291 13.93 8.91 37.44
N LEU B 292 14.78 7.96 37.04
CA LEU B 292 14.46 6.54 36.97
C LEU B 292 14.23 5.89 38.35
N PHE B 293 15.20 6.07 39.27
CA PHE B 293 15.19 5.54 40.64
C PHE B 293 15.95 6.55 41.50
N ASP B 294 15.40 6.89 42.69
CA ASP B 294 16.01 7.85 43.63
C ASP B 294 16.30 9.20 42.98
N GLY B 295 15.42 9.63 42.09
CA GLY B 295 15.56 10.89 41.36
C GLY B 295 16.78 10.97 40.47
N ILE B 296 17.41 9.81 40.16
CA ILE B 296 18.60 9.79 39.32
C ILE B 296 18.22 9.59 37.87
N ASP B 297 18.74 10.45 36.98
CA ASP B 297 18.51 10.36 35.55
C ASP B 297 19.37 9.25 34.97
N TYR B 298 18.81 8.52 33.99
CA TYR B 298 19.51 7.44 33.33
C TYR B 298 19.59 7.68 31.83
N ASN B 299 20.75 7.40 31.27
CA ASN B 299 21.01 7.56 29.85
C ASN B 299 22.09 6.56 29.45
N VAL B 300 21.91 5.89 28.32
CA VAL B 300 22.90 4.94 27.79
C VAL B 300 22.73 4.81 26.27
N ASN B 301 23.83 4.58 25.56
CA ASN B 301 23.79 4.37 24.13
C ASN B 301 24.03 2.90 23.85
N ILE B 302 23.14 2.28 23.08
CA ILE B 302 23.22 0.87 22.74
C ILE B 302 23.48 0.73 21.25
N THR B 303 24.56 0.05 20.88
CA THR B 303 24.83 -0.23 19.48
C THR B 303 24.05 -1.50 19.10
N ARG B 304 23.81 -1.71 17.80
CA ARG B 304 23.14 -2.89 17.30
C ARG B 304 23.95 -4.15 17.67
N ALA B 305 25.30 -4.04 17.63
CA ALA B 305 26.22 -5.10 18.00
C ALA B 305 26.04 -5.52 19.47
N LYS B 306 25.83 -4.56 20.39
CA LYS B 306 25.62 -4.88 21.81
C LYS B 306 24.28 -5.58 22.03
N PHE B 307 23.25 -5.15 21.30
CA PHE B 307 21.93 -5.77 21.37
C PHE B 307 22.01 -7.21 20.86
N GLU B 308 22.71 -7.41 19.74
CA GLU B 308 22.91 -8.72 19.14
C GLU B 308 23.67 -9.65 20.08
N GLU B 309 24.65 -9.10 20.82
CA GLU B 309 25.45 -9.83 21.78
C GLU B 309 24.58 -10.27 22.96
N LEU B 310 23.78 -9.35 23.54
CA LEU B 310 22.92 -9.67 24.68
C LEU B 310 21.90 -10.75 24.35
N CYS B 311 21.40 -10.75 23.09
CA CYS B 311 20.37 -11.68 22.61
C CYS B 311 20.88 -12.85 21.79
N MET B 312 22.21 -12.97 21.63
CA MET B 312 22.92 -13.96 20.83
C MET B 312 22.37 -15.37 20.94
N ASP B 313 22.20 -15.90 22.17
CA ASP B 313 21.70 -17.24 22.39
C ASP B 313 20.24 -17.36 21.98
N GLN B 314 19.43 -16.39 22.37
CA GLN B 314 18.00 -16.39 22.05
C GLN B 314 17.74 -16.34 20.57
N PHE B 315 18.53 -15.54 19.84
CA PHE B 315 18.39 -15.41 18.39
C PHE B 315 18.76 -16.72 17.70
N ARG B 316 19.92 -17.28 18.05
CA ARG B 316 20.42 -18.54 17.48
C ARG B 316 19.45 -19.69 17.78
N ASN B 317 18.89 -19.72 19.00
CA ASN B 317 17.97 -20.79 19.39
C ASN B 317 16.65 -20.80 18.63
N THR B 318 16.32 -19.72 17.89
CA THR B 318 15.13 -19.71 17.05
C THR B 318 15.25 -20.78 15.94
N LEU B 319 16.49 -21.16 15.56
CA LEU B 319 16.71 -22.19 14.55
C LEU B 319 16.41 -23.60 15.05
N ILE B 320 16.40 -23.83 16.38
CA ILE B 320 16.12 -25.16 16.96
C ILE B 320 14.71 -25.64 16.57
N PRO B 321 13.62 -24.84 16.75
CA PRO B 321 12.30 -25.28 16.28
C PRO B 321 12.20 -25.41 14.76
N VAL B 322 13.04 -24.71 13.99
CA VAL B 322 13.07 -24.84 12.54
C VAL B 322 13.59 -26.26 12.18
N GLU B 323 14.67 -26.68 12.85
CA GLU B 323 15.23 -28.02 12.66
C GLU B 323 14.22 -29.09 13.07
N LYS B 324 13.48 -28.84 14.17
CA LYS B 324 12.47 -29.78 14.68
C LYS B 324 11.28 -29.98 13.71
N VAL B 325 10.75 -28.90 13.08
CA VAL B 325 9.65 -29.08 12.12
C VAL B 325 10.11 -29.80 10.86
N LEU B 326 11.36 -29.55 10.42
CA LEU B 326 11.89 -30.23 9.24
C LEU B 326 12.03 -31.73 9.52
N LYS B 327 12.53 -32.07 10.73
CA LYS B 327 12.66 -33.46 11.17
C LYS B 327 11.27 -34.13 11.27
N ASP B 328 10.29 -33.48 11.92
CA ASP B 328 8.93 -34.03 12.05
C ASP B 328 8.28 -34.24 10.70
N ALA B 329 8.48 -33.32 9.76
CA ALA B 329 7.92 -33.47 8.41
C ALA B 329 8.76 -34.38 7.51
N LYS B 330 9.87 -34.93 8.04
CA LYS B 330 10.77 -35.82 7.32
C LYS B 330 11.28 -35.17 6.03
N MET B 331 11.76 -33.92 6.12
CA MET B 331 12.30 -33.24 4.94
C MET B 331 13.55 -32.42 5.25
N ASP B 332 14.38 -32.20 4.22
CA ASP B 332 15.63 -31.44 4.27
C ASP B 332 15.34 -29.96 4.09
N LYS B 333 16.21 -29.09 4.66
CA LYS B 333 16.02 -27.64 4.52
C LYS B 333 16.04 -27.17 3.06
N SER B 334 16.76 -27.91 2.20
CA SER B 334 16.85 -27.66 0.77
C SER B 334 15.51 -27.85 0.04
N GLN B 335 14.55 -28.56 0.66
CA GLN B 335 13.24 -28.81 0.07
C GLN B 335 12.21 -27.72 0.34
N VAL B 336 12.55 -26.73 1.18
CA VAL B 336 11.65 -25.62 1.49
C VAL B 336 11.65 -24.63 0.32
N HIS B 337 10.48 -24.42 -0.30
CA HIS B 337 10.30 -23.52 -1.43
C HIS B 337 10.29 -22.06 -1.01
N GLU B 338 9.59 -21.72 0.09
CA GLU B 338 9.49 -20.35 0.58
C GLU B 338 9.60 -20.30 2.09
N ILE B 339 10.29 -19.29 2.62
CA ILE B 339 10.41 -19.00 4.06
C ILE B 339 9.69 -17.66 4.27
N VAL B 340 8.55 -17.65 4.96
CA VAL B 340 7.78 -16.42 5.19
C VAL B 340 8.06 -15.84 6.58
N LEU B 341 8.47 -14.57 6.65
CA LEU B 341 8.71 -13.91 7.93
C LEU B 341 7.44 -13.22 8.42
N VAL B 342 6.96 -13.64 9.60
CA VAL B 342 5.75 -13.12 10.24
C VAL B 342 6.09 -12.68 11.68
N GLY B 343 5.40 -11.68 12.19
CA GLY B 343 5.62 -11.20 13.55
C GLY B 343 6.55 -10.00 13.56
N GLY B 344 6.26 -9.04 14.42
CA GLY B 344 7.04 -7.82 14.51
C GLY B 344 8.51 -8.04 14.78
N SER B 345 8.87 -9.07 15.55
CA SER B 345 10.27 -9.36 15.87
C SER B 345 11.11 -9.83 14.66
N THR B 346 10.47 -10.30 13.57
CA THR B 346 11.22 -10.68 12.37
C THR B 346 11.82 -9.48 11.63
N ARG B 347 11.55 -8.23 12.09
CA ARG B 347 12.19 -7.03 11.55
C ARG B 347 13.63 -6.89 12.02
N ILE B 348 14.05 -7.65 13.07
CA ILE B 348 15.41 -7.60 13.60
C ILE B 348 16.36 -8.16 12.55
N PRO B 349 17.29 -7.32 12.06
CA PRO B 349 18.20 -7.78 11.01
C PRO B 349 18.94 -9.08 11.32
N LYS B 350 19.41 -9.26 12.56
CA LYS B 350 20.13 -10.48 12.94
C LYS B 350 19.29 -11.74 12.76
N ILE B 351 18.00 -11.66 13.08
CA ILE B 351 17.09 -12.79 12.91
C ILE B 351 16.94 -13.12 11.43
N GLN B 352 16.78 -12.09 10.59
CA GLN B 352 16.66 -12.28 9.14
C GLN B 352 17.92 -12.94 8.56
N GLN B 353 19.09 -12.50 9.04
CA GLN B 353 20.39 -13.03 8.61
C GLN B 353 20.57 -14.48 9.05
N LEU B 354 20.21 -14.81 10.30
CA LEU B 354 20.31 -16.17 10.82
C LEU B 354 19.45 -17.15 10.01
N ILE B 355 18.21 -16.75 9.63
CA ILE B 355 17.32 -17.58 8.84
C ILE B 355 17.86 -17.79 7.41
N LYS B 356 18.35 -16.71 6.79
CA LYS B 356 18.91 -16.77 5.44
C LYS B 356 20.12 -17.69 5.42
N ASP B 357 21.01 -17.55 6.42
CA ASP B 357 22.20 -18.39 6.53
C ASP B 357 21.80 -19.83 6.73
N PHE B 358 20.79 -20.09 7.60
CA PHE B 358 20.32 -21.46 7.82
C PHE B 358 19.85 -22.11 6.52
N PHE B 359 19.11 -21.35 5.69
CA PHE B 359 18.61 -21.87 4.42
C PHE B 359 19.60 -21.68 3.24
N ASN B 360 20.90 -21.57 3.56
CA ASN B 360 22.01 -21.47 2.61
C ASN B 360 21.84 -20.34 1.59
N GLY B 361 21.56 -19.14 2.08
CA GLY B 361 21.45 -17.98 1.22
C GLY B 361 20.08 -17.68 0.63
N LYS B 362 19.08 -18.57 0.82
CA LYS B 362 17.73 -18.32 0.28
C LYS B 362 17.07 -17.10 0.94
N GLU B 363 16.56 -16.15 0.13
CA GLU B 363 15.93 -14.94 0.63
C GLU B 363 14.54 -15.24 1.17
N PRO B 364 14.25 -14.84 2.40
CA PRO B 364 12.89 -15.04 2.93
C PRO B 364 11.88 -14.06 2.32
N CSX B 365 10.61 -14.43 2.32
CA CSX B 365 9.51 -13.59 1.86
CB CSX B 365 8.29 -14.46 1.50
SG CSX B 365 8.42 -15.00 -0.21
C CSX B 365 9.19 -12.61 3.01
O CSX B 365 8.72 -13.05 4.07
OD CSX B 365 7.25 -15.65 -0.61
N LYS B 366 9.48 -11.31 2.81
CA LYS B 366 9.23 -10.30 3.83
C LYS B 366 8.68 -8.97 3.29
N ALA B 367 8.16 -8.98 2.06
CA ALA B 367 7.61 -7.78 1.41
C ALA B 367 6.42 -7.20 2.20
N ILE B 368 5.60 -8.07 2.78
CA ILE B 368 4.47 -7.61 3.59
C ILE B 368 4.97 -7.33 5.01
N ASN B 369 4.59 -6.16 5.61
CA ASN B 369 4.94 -5.81 7.01
C ASN B 369 4.61 -7.03 7.90
N PRO B 370 5.62 -7.62 8.55
CA PRO B 370 5.42 -8.95 9.16
C PRO B 370 4.34 -9.02 10.24
N ASP B 371 4.14 -7.93 10.94
CA ASP B 371 3.08 -7.84 11.94
C ASP B 371 1.68 -7.57 11.33
N GLU B 372 1.57 -7.49 9.97
CA GLU B 372 0.33 -7.32 9.21
C GLU B 372 0.02 -8.51 8.29
N ALA B 373 0.96 -9.40 8.06
CA ALA B 373 0.77 -10.52 7.14
C ALA B 373 -0.37 -11.45 7.46
N VAL B 374 -0.60 -11.72 8.76
CA VAL B 374 -1.68 -12.62 9.15
C VAL B 374 -3.03 -11.97 8.90
N ALA B 375 -3.18 -10.68 9.26
CA ALA B 375 -4.43 -9.95 8.98
C ALA B 375 -4.65 -9.82 7.49
N TYR B 376 -3.57 -9.59 6.72
CA TYR B 376 -3.57 -9.48 5.26
C TYR B 376 -4.18 -10.76 4.65
N GLY B 377 -3.68 -11.92 5.05
CA GLY B 377 -4.16 -13.20 4.57
C GLY B 377 -5.58 -13.49 5.01
N ALA B 378 -5.93 -13.13 6.23
CA ALA B 378 -7.29 -13.30 6.74
C ALA B 378 -8.25 -12.46 5.94
N ALA B 379 -7.83 -11.24 5.54
CA ALA B 379 -8.65 -10.33 4.75
C ALA B 379 -8.92 -10.90 3.37
N VAL B 380 -7.89 -11.56 2.76
CA VAL B 380 -8.03 -12.20 1.46
C VAL B 380 -9.04 -13.34 1.59
N GLN B 381 -8.89 -14.17 2.62
CA GLN B 381 -9.81 -15.28 2.85
C GLN B 381 -11.24 -14.79 3.10
N ALA B 382 -11.40 -13.68 3.82
CA ALA B 382 -12.72 -13.11 4.08
C ALA B 382 -13.40 -12.68 2.80
N ALA B 383 -12.63 -12.10 1.85
CA ALA B 383 -13.19 -11.64 0.59
C ALA B 383 -13.58 -12.84 -0.28
N ILE B 384 -12.75 -13.90 -0.29
CA ILE B 384 -13.06 -15.12 -1.03
C ILE B 384 -14.35 -15.75 -0.50
N LEU B 385 -14.45 -15.89 0.83
CA LEU B 385 -15.65 -16.45 1.46
C LEU B 385 -16.89 -15.56 1.33
N SER B 386 -16.72 -14.30 0.95
CA SER B 386 -17.84 -13.41 0.68
C SER B 386 -18.26 -13.39 -0.80
N GLY B 387 -17.62 -14.20 -1.66
CA GLY B 387 -17.96 -14.24 -3.08
C GLY B 387 -17.16 -13.32 -3.98
N ASP B 388 -16.09 -12.70 -3.45
CA ASP B 388 -15.24 -11.81 -4.25
C ASP B 388 -14.03 -12.61 -4.79
C1 GOL C . -19.36 12.11 -29.12
O1 GOL C . -18.44 11.20 -29.70
C2 GOL C . -19.15 12.14 -27.63
O2 GOL C . -17.77 12.38 -27.34
C3 GOL C . -20.00 13.23 -27.01
O3 GOL C . -19.73 13.33 -25.62
C2 PG4 D . -8.63 2.74 -35.39
O2 PG4 D . -9.45 3.08 -34.27
C3 PG4 D . -10.74 3.57 -34.62
C4 PG4 D . -10.77 5.05 -34.43
O3 PG4 D . -12.07 5.47 -34.00
C5 PG4 D . -12.83 6.03 -35.07
C6 PG4 D . -13.66 7.20 -34.62
N3B AN2 E . -2.60 11.17 -18.14
PB AN2 E . -1.21 10.46 -18.77
O2B AN2 E . -0.09 10.81 -17.95
O1B AN2 E . -1.42 8.89 -18.77
O3A AN2 E . -0.98 11.06 -20.25
PA AN2 E . -0.34 10.45 -21.59
O1A AN2 E . 0.38 9.15 -21.43
O2A AN2 E . -1.43 10.56 -22.62
O5' AN2 E . 0.81 11.49 -21.86
C5' AN2 E . 0.54 12.89 -21.89
C4' AN2 E . 1.92 13.53 -22.04
O4' AN2 E . 2.50 12.95 -23.20
C3' AN2 E . 1.84 15.02 -22.35
O3' AN2 E . 2.86 15.59 -21.52
C2' AN2 E . 2.25 15.14 -23.81
O2' AN2 E . 2.93 16.37 -24.15
C1' AN2 E . 3.17 13.95 -23.92
N9 AN2 E . 3.34 13.53 -25.33
C8 AN2 E . 2.38 13.08 -26.16
N7 AN2 E . 2.86 12.95 -27.40
C5 AN2 E . 4.18 13.26 -27.34
C4 AN2 E . 4.49 13.66 -25.98
N3 AN2 E . 5.73 14.11 -25.65
C2 AN2 E . 6.70 14.11 -26.57
N1 AN2 E . 6.51 13.73 -27.85
C6 AN2 E . 5.29 13.34 -28.30
N6 AN2 E . 5.04 12.97 -29.57
C1 GOL F . -1.42 10.76 -9.27
O1 GOL F . -2.63 10.09 -8.96
C2 GOL F . -0.62 10.89 -8.00
O2 GOL F . -0.43 9.61 -7.47
C3 GOL F . -1.46 11.66 -7.02
O3 GOL F . -2.43 10.79 -6.50
C1 GOL G . 3.81 -4.05 -5.10
O1 GOL G . 5.04 -3.71 -4.46
C2 GOL G . 2.81 -2.92 -4.98
O2 GOL G . 1.81 -3.04 -6.01
C3 GOL G . 3.49 -1.57 -5.08
O3 GOL G . 2.53 -0.51 -5.18
C1 GOL H . -0.74 19.35 -28.23
O1 GOL H . 0.49 19.82 -27.70
C2 GOL H . -0.94 19.84 -29.65
O2 GOL H . -0.11 19.09 -30.56
C3 GOL H . -2.39 19.77 -30.07
O3 GOL H . -2.97 18.51 -29.73
C1 GOL I . -3.61 14.96 -29.10
O1 GOL I . -4.25 15.77 -28.12
C2 GOL I . -2.98 13.73 -28.48
O2 GOL I . -3.73 12.55 -28.83
C3 GOL I . -2.93 13.91 -26.98
O3 GOL I . -1.64 13.68 -26.40
C1 GOL J . 1.33 18.57 -21.27
O1 GOL J . 2.64 18.12 -21.00
C2 GOL J . 0.28 17.86 -20.43
O2 GOL J . 0.44 18.24 -19.06
C3 GOL J . -1.08 18.28 -20.92
O3 GOL J . -1.13 18.32 -22.35
C10 JHJ K . -22.51 8.91 -5.89
N12 JHJ K . -21.36 9.21 -5.19
C13 JHJ K . -20.86 10.45 -4.85
C15 JHJ K . -20.98 12.82 -4.67
C17 JHJ K . -19.14 11.78 -3.88
C01 JHJ K . -25.98 3.16 -9.33
C03 JHJ K . -25.27 5.29 -8.45
C04 JHJ K . -23.98 4.84 -8.20
C05 JHJ K . -23.09 5.63 -7.49
C06 JHJ K . -23.47 6.87 -7.01
C07 JHJ K . -24.77 7.30 -7.23
C08 JHJ K . -25.66 6.52 -7.96
C14 JHJ K . -21.54 11.64 -5.08
C18 JHJ K . -19.61 10.54 -4.23
N09 JHJ K . -22.52 7.58 -6.24
N16 JHJ K . -19.78 12.93 -4.11
O02 JHJ K . -26.20 4.55 -9.13
O11 JHJ K . -23.37 9.73 -6.18
C1 GOL L . 15.75 35.24 -12.31
O1 GOL L . 14.59 36.05 -12.29
C2 GOL L . 16.49 35.37 -13.62
O2 GOL L . 17.14 36.64 -13.69
C3 GOL L . 17.50 34.26 -13.75
O3 GOL L . 16.88 33.04 -14.13
C1 GOL M . 7.34 7.55 -5.89
O1 GOL M . 7.12 8.96 -5.74
C2 GOL M . 6.10 6.81 -6.38
O2 GOL M . 5.85 7.15 -7.74
C3 GOL M . 6.30 5.33 -6.24
O3 GOL M . 5.09 4.60 -6.46
C1 GOL N . 18.89 11.62 -31.91
O1 GOL N . 17.54 12.02 -32.16
C2 GOL N . 19.08 11.25 -30.46
O2 GOL N . 18.85 12.38 -29.62
C3 GOL N . 18.18 10.11 -30.05
O3 GOL N . 18.34 9.85 -28.66
C1 GOL O . 6.64 4.67 -30.46
O1 GOL O . 6.95 6.01 -30.08
C2 GOL O . 5.22 4.47 -30.94
O2 GOL O . 4.70 5.66 -31.53
C3 GOL O . 5.19 3.39 -32.00
O3 GOL O . 3.87 3.18 -32.44
C1 GOL P . -23.53 1.25 -11.73
O1 GOL P . -23.59 -0.17 -11.67
C2 GOL P . -24.67 1.83 -12.53
O2 GOL P . -24.53 3.25 -12.60
C3 GOL P . -24.73 1.24 -13.92
O3 GOL P . -25.90 1.67 -14.62
C10 JHJ Q . 10.77 16.30 -9.01
N12 JHJ Q . 10.05 15.50 -8.15
C13 JHJ Q . 9.05 15.85 -7.25
C15 JHJ Q . 7.28 15.27 -5.78
C17 JHJ Q . 7.88 17.45 -5.93
C01 JHJ Q . 16.55 18.24 -12.65
C03 JHJ Q . 15.03 16.56 -11.82
C04 JHJ Q . 14.42 17.45 -10.94
C05 JHJ Q . 13.22 17.12 -10.34
C06 JHJ Q . 12.59 15.92 -10.65
C07 JHJ Q . 13.21 15.03 -11.51
C08 JHJ Q . 14.41 15.35 -12.12
C14 JHJ Q . 8.25 14.88 -6.68
C18 JHJ Q . 8.86 17.18 -6.84
N09 JHJ Q . 11.40 15.57 -9.99
N16 JHJ Q . 7.09 16.53 -5.38
O02 JHJ Q . 16.21 16.87 -12.47
O11 JHJ Q . 10.86 17.51 -8.90
P PO4 R . -1.04 8.07 -14.58
O1 PO4 R . -1.48 6.95 -13.52
O2 PO4 R . 0.27 7.53 -15.32
O3 PO4 R . -0.68 9.37 -13.77
O4 PO4 R . -2.23 8.42 -15.59
CL CL S . -18.21 0.04 -35.69
CL CL T . -16.73 -6.55 -25.64
C1 GOL U . -14.79 2.93 1.06
O1 GOL U . -15.67 1.96 1.66
C2 GOL U . -13.85 3.47 2.10
O2 GOL U . -14.60 4.21 3.06
C3 GOL U . -12.83 4.40 1.50
O3 GOL U . -12.32 5.27 2.49
N3B AN2 V . 1.67 -11.36 16.77
PB AN2 V . 1.95 -10.53 18.29
O2B AN2 V . 0.67 -10.21 18.97
O1B AN2 V . 2.77 -11.45 19.31
O3A AN2 V . 2.77 -9.16 18.08
PA AN2 V . 3.50 -8.57 16.75
O1A AN2 V . 3.52 -9.59 15.62
O2A AN2 V . 2.89 -7.21 16.51
O5' AN2 V . 4.98 -8.34 17.33
C5' AN2 V . 5.14 -7.50 18.47
C4' AN2 V . 6.58 -7.60 18.94
O4' AN2 V . 7.40 -7.18 17.84
C3' AN2 V . 6.86 -6.65 20.10
O3' AN2 V . 7.73 -7.32 21.04
C2' AN2 V . 7.59 -5.49 19.43
O2' AN2 V . 8.49 -4.80 20.30
C1' AN2 V . 8.31 -6.15 18.26
N9 AN2 V . 8.65 -5.21 17.15
C8 AN2 V . 7.79 -4.50 16.40
N7 AN2 V . 8.43 -3.76 15.48
C5 AN2 V . 9.74 -4.01 15.59
C4 AN2 V . 9.87 -4.96 16.71
N3 AN2 V . 11.11 -5.41 17.03
C2 AN2 V . 12.20 -4.95 16.39
N1 AN2 V . 12.17 -4.07 15.35
C6 AN2 V . 10.99 -3.55 14.93
N6 AN2 V . 10.95 -2.61 13.95
C1 GOL W . -0.66 -19.99 25.73
O1 GOL W . 0.45 -20.42 26.53
C2 GOL W . -0.39 -20.18 24.25
O2 GOL W . 0.43 -19.12 23.77
C3 GOL W . -1.67 -20.25 23.44
O3 GOL W . -2.20 -18.96 23.21
C1 GOL X . -13.86 3.38 17.89
O1 GOL X . -13.60 2.30 18.77
C2 GOL X . -12.58 3.88 17.25
O2 GOL X . -11.79 2.78 16.77
C3 GOL X . -12.92 4.79 16.10
O3 GOL X . -13.45 6.03 16.58
C1 GOL Y . 3.33 0.19 18.06
O1 GOL Y . 2.46 1.08 18.74
C2 GOL Y . 2.59 -0.62 17.01
O2 GOL Y . 2.06 0.26 16.02
C3 GOL Y . 3.44 -1.69 16.35
O3 GOL Y . 3.68 -2.82 17.20
C1 GOL Z . -6.63 3.38 7.09
O1 GOL Z . -6.76 4.69 7.62
C2 GOL Z . -5.52 3.32 6.06
O2 GOL Z . -4.37 2.68 6.61
C3 GOL Z . -6.01 2.56 4.85
O3 GOL Z . -6.71 1.39 5.22
C1 GOL AA . -4.95 -29.25 17.40
O1 GOL AA . -3.62 -29.34 16.88
C2 GOL AA . -5.95 -29.18 16.26
O2 GOL AA . -5.61 -28.11 15.40
C3 GOL AA . -7.33 -28.98 16.83
O3 GOL AA . -8.22 -28.51 15.83
P PO4 BA . 0.61 -14.94 17.97
O1 PO4 BA . 0.23 -16.50 18.04
O2 PO4 BA . 1.50 -14.67 16.66
O3 PO4 BA . 1.43 -14.54 19.23
O4 PO4 BA . -0.74 -14.08 17.90
CL CL CA . 3.16 -3.71 2.83
#